data_5XJG
#
_entry.id   5XJG
#
_cell.length_a   84.082
_cell.length_b   115.630
_cell.length_c   84.131
_cell.angle_alpha   90.00
_cell.angle_beta   114.68
_cell.angle_gamma   90.00
#
_symmetry.space_group_name_H-M   'P 1 21 1'
#
loop_
_entity.id
_entity.type
_entity.pdbx_description
1 polymer 'Vacuolar protein 8'
2 polymer 'Nucleus-vacuole junction protein 1'
3 non-polymer 3,6,9,12,15,18,21,24-OCTAOXAHEXACOSAN-1-OL
4 non-polymer 2-[3-(2-HYDROXY-1,1-DIHYDROXYMETHYL-ETHYLAMINO)-PROPYLAMINO]-2-HYDROXYMETHYL-PROPANE-1,3-DIOL
5 water water
#
loop_
_entity_poly.entity_id
_entity_poly.type
_entity_poly.pdbx_seq_one_letter_code
_entity_poly.pdbx_strand_id
1 'polypeptide(L)'
;DSSDEASVSPIADNEREAVTLLLGYLEDKDQLDFYSGGPLKALTTLVYSDNLNLQRSAALAFAEITEKYVRQVSREVLEP
ILILLQSQDPQIQVAACAALGNLAVNNENKLLIVEMGGLEPLINQMMGDNVEVQCNAVGCITNLATRDDNKHKIATSGAL
IPLTKLAKSKHIRVQRNATGALLNMTHSEENRKELVNAGAVPVLVSLLSSTDPDVQYYCTTALSNIAVDEANRKKLAQTE
PRLVSKLVSLMDSPSSRVKCQATLALRNLASDTSYQLEIVRAGGLPHLVKLIQSDSIPLVLASVACIRNISIHPLNEGLI
VDAGFLKPLVRLLDYKDSEEIQCHAVSTLRNLAASSEKNRKEFFESGAVEKCKELALDSPVSVQSEISACFAILALADVS
KLDLLEANILDALIPMTFSQNQEVSGNAAAALANLCSRVNNYTKIIEAWDRPNEGIRGFLIRFLKSDYATFEHIALWTIL
QLLESHNDKVEDLVKNDDDIINGVRK
;
A,C
2 'polypeptide(L)'
;NREKDCSSSSEVESQSKCRKESTAEPDSLSRDTRTTSSLKSSTSFPISFKGSIDLKSLNQPSSLLHIQVSPTKSSNLDAQ
VNTEQAYSQPFRY
;
B,D
#
# COMPACT_ATOMS: atom_id res chain seq x y z
N PRO A 10 18.33 -14.80 -13.07
CA PRO A 10 19.53 -14.60 -12.26
C PRO A 10 19.26 -13.95 -10.91
N ILE A 11 20.29 -13.32 -10.37
CA ILE A 11 20.20 -12.45 -9.21
C ILE A 11 19.04 -11.48 -9.34
N ALA A 12 19.21 -10.59 -10.30
CA ALA A 12 18.34 -9.44 -10.55
C ALA A 12 16.86 -9.72 -10.41
N ASP A 13 16.43 -10.91 -10.82
CA ASP A 13 15.00 -11.20 -10.86
C ASP A 13 14.34 -11.36 -9.50
N ASN A 14 15.09 -11.25 -8.41
CA ASN A 14 14.46 -11.11 -7.09
C ASN A 14 14.30 -9.62 -6.89
N GLU A 15 15.40 -8.89 -7.09
CA GLU A 15 15.41 -7.45 -7.04
C GLU A 15 14.32 -6.89 -7.95
N ARG A 16 14.24 -7.46 -9.15
CA ARG A 16 13.23 -7.12 -10.15
C ARG A 16 11.81 -7.13 -9.57
N GLU A 17 11.52 -8.09 -8.70
CA GLU A 17 10.22 -8.11 -8.03
C GLU A 17 10.27 -7.19 -6.82
N ALA A 18 11.37 -7.26 -6.07
CA ALA A 18 11.51 -6.56 -4.79
C ALA A 18 11.20 -5.08 -4.92
N VAL A 19 11.58 -4.48 -6.04
CA VAL A 19 11.32 -3.07 -6.26
C VAL A 19 9.80 -2.81 -6.43
N THR A 20 9.17 -3.58 -7.32
CA THR A 20 7.79 -3.33 -7.74
C THR A 20 6.82 -3.25 -6.56
N LEU A 21 6.84 -4.27 -5.72
CA LEU A 21 5.97 -4.33 -4.56
C LEU A 21 6.12 -3.11 -3.68
N LEU A 22 7.35 -2.61 -3.54
CA LEU A 22 7.59 -1.49 -2.64
C LEU A 22 7.38 -0.17 -3.36
N LEU A 23 7.18 -0.24 -4.66
CA LEU A 23 6.66 0.90 -5.41
C LEU A 23 5.16 0.97 -5.18
N GLY A 24 4.61 -0.13 -4.68
CA GLY A 24 3.24 -0.14 -4.20
C GLY A 24 3.17 0.59 -2.87
N TYR A 25 3.66 -0.06 -1.82
CA TYR A 25 3.77 0.59 -0.52
C TYR A 25 4.87 1.63 -0.52
N GLN A 31 -2.55 12.90 -4.89
CA GLN A 31 -3.14 11.65 -4.40
C GLN A 31 -4.65 11.76 -4.57
N LEU A 32 -5.06 12.78 -5.32
CA LEU A 32 -6.46 13.18 -5.43
C LEU A 32 -7.05 13.44 -4.04
N ASP A 33 -6.45 14.40 -3.37
CA ASP A 33 -6.96 14.90 -2.10
C ASP A 33 -7.91 16.05 -2.36
N PHE A 34 -8.39 16.68 -1.29
CA PHE A 34 -9.26 17.84 -1.43
C PHE A 34 -8.61 19.09 -0.86
N TYR A 35 -7.29 19.03 -0.67
CA TYR A 35 -6.56 20.12 -0.03
C TYR A 35 -5.86 21.03 -1.04
N SER A 36 -6.22 20.91 -2.31
CA SER A 36 -5.66 21.76 -3.36
C SER A 36 -6.46 21.68 -4.65
N GLY A 37 -6.20 22.61 -5.56
CA GLY A 37 -6.80 22.61 -6.88
C GLY A 37 -8.32 22.64 -6.91
N GLY A 38 -8.87 21.88 -7.86
CA GLY A 38 -10.31 21.83 -8.10
C GLY A 38 -11.21 21.65 -6.90
N PRO A 39 -11.07 20.52 -6.18
CA PRO A 39 -11.89 20.24 -4.99
C PRO A 39 -11.91 21.39 -3.98
N LEU A 40 -10.72 21.83 -3.58
CA LEU A 40 -10.57 22.91 -2.63
C LEU A 40 -11.22 24.19 -3.14
N LYS A 41 -11.05 24.47 -4.43
CA LYS A 41 -11.63 25.67 -5.02
C LYS A 41 -13.15 25.59 -5.02
N ALA A 42 -13.68 24.37 -5.12
CA ALA A 42 -15.13 24.15 -5.09
C ALA A 42 -15.69 24.43 -3.71
N LEU A 43 -15.10 23.80 -2.69
CA LEU A 43 -15.54 24.03 -1.31
C LEU A 43 -15.39 25.50 -0.93
N THR A 44 -14.31 26.10 -1.40
CA THR A 44 -14.02 27.51 -1.15
C THR A 44 -15.05 28.41 -1.81
N THR A 45 -15.48 28.03 -3.02
CA THR A 45 -16.54 28.75 -3.72
C THR A 45 -17.83 28.65 -2.94
N LEU A 46 -18.07 27.48 -2.33
CA LEU A 46 -19.24 27.30 -1.48
C LEU A 46 -19.20 28.21 -0.26
N VAL A 47 -18.03 28.33 0.37
CA VAL A 47 -17.90 29.13 1.59
C VAL A 47 -18.11 30.63 1.34
N TYR A 48 -17.46 31.16 0.30
CA TYR A 48 -17.51 32.60 0.03
C TYR A 48 -18.78 33.00 -0.68
N SER A 49 -19.70 32.05 -0.87
CA SER A 49 -20.98 32.31 -1.50
C SER A 49 -21.88 33.15 -0.58
N ASP A 50 -21.56 33.10 0.71
CA ASP A 50 -22.30 33.82 1.75
C ASP A 50 -23.74 33.30 1.88
N ASN A 51 -23.98 32.11 1.33
CA ASN A 51 -25.27 31.44 1.44
C ASN A 51 -25.19 30.32 2.47
N LEU A 52 -26.07 30.35 3.47
CA LEU A 52 -25.99 29.43 4.62
C LEU A 52 -26.03 27.95 4.24
N ASN A 53 -26.93 27.58 3.34
CA ASN A 53 -27.08 26.19 2.94
C ASN A 53 -25.82 25.66 2.22
N LEU A 54 -25.32 26.45 1.27
CA LEU A 54 -24.10 26.14 0.56
C LEU A 54 -22.93 25.94 1.54
N GLN A 55 -22.76 26.93 2.42
CA GLN A 55 -21.72 26.89 3.45
C GLN A 55 -21.84 25.64 4.31
N ARG A 56 -23.08 25.24 4.60
CA ARG A 56 -23.34 24.02 5.37
C ARG A 56 -22.77 22.81 4.63
N SER A 57 -23.05 22.71 3.33
CA SER A 57 -22.49 21.63 2.52
C SER A 57 -20.95 21.63 2.56
N ALA A 58 -20.36 22.82 2.42
CA ALA A 58 -18.91 22.95 2.48
C ALA A 58 -18.34 22.43 3.81
N ALA A 59 -18.95 22.84 4.92
CA ALA A 59 -18.48 22.45 6.25
C ALA A 59 -18.58 20.94 6.47
N LEU A 60 -19.69 20.34 6.05
CA LEU A 60 -19.81 18.88 6.13
C LEU A 60 -18.71 18.18 5.33
N ALA A 61 -18.49 18.65 4.10
CA ALA A 61 -17.43 18.11 3.26
C ALA A 61 -16.08 18.16 3.97
N PHE A 62 -15.71 19.36 4.44
CA PHE A 62 -14.46 19.55 5.18
C PHE A 62 -14.30 18.55 6.33
N ALA A 63 -15.36 18.43 7.13
CA ALA A 63 -15.34 17.52 8.27
C ALA A 63 -15.04 16.09 7.84
N GLU A 64 -15.75 15.60 6.83
CA GLU A 64 -15.52 14.22 6.37
C GLU A 64 -14.12 14.02 5.79
N ILE A 65 -13.68 14.98 4.98
CA ILE A 65 -12.35 14.90 4.36
C ILE A 65 -11.24 14.83 5.39
N THR A 66 -11.30 15.72 6.38
CA THR A 66 -10.29 15.72 7.44
C THR A 66 -10.40 14.45 8.27
N GLU A 67 -11.62 13.91 8.37
CA GLU A 67 -11.80 12.67 9.12
C GLU A 67 -11.09 11.50 8.43
N LYS A 68 -11.11 11.51 7.10
CA LYS A 68 -10.53 10.40 6.35
C LYS A 68 -9.02 10.51 6.15
N TYR A 69 -8.51 11.73 6.02
CA TYR A 69 -7.08 11.94 5.80
C TYR A 69 -6.64 13.33 6.24
N VAL A 70 -5.53 13.39 6.97
CA VAL A 70 -4.99 14.65 7.49
C VAL A 70 -3.51 14.79 7.17
N ARG A 71 -3.13 15.97 6.66
CA ARG A 71 -1.74 16.29 6.44
C ARG A 71 -1.50 17.76 6.71
N GLN A 72 -0.24 18.19 6.58
CA GLN A 72 0.09 19.60 6.66
C GLN A 72 -0.58 20.34 5.50
N VAL A 73 -1.33 21.39 5.82
CA VAL A 73 -2.06 22.14 4.80
C VAL A 73 -1.65 23.60 4.78
N SER A 74 -2.06 24.30 3.72
CA SER A 74 -1.69 25.70 3.54
C SER A 74 -2.74 26.65 4.10
N ARG A 75 -2.52 27.95 3.92
CA ARG A 75 -3.44 28.97 4.37
C ARG A 75 -4.79 28.89 3.66
N GLU A 76 -4.77 28.43 2.41
CA GLU A 76 -5.97 28.41 1.58
C GLU A 76 -6.96 27.34 2.01
N VAL A 77 -6.49 26.37 2.77
CA VAL A 77 -7.38 25.37 3.35
C VAL A 77 -8.01 25.92 4.62
N LEU A 78 -7.17 26.51 5.47
CA LEU A 78 -7.61 26.96 6.78
C LEU A 78 -8.49 28.20 6.75
N GLU A 79 -8.29 29.07 5.77
CA GLU A 79 -9.07 30.31 5.68
C GLU A 79 -10.60 30.07 5.60
N PRO A 80 -11.07 29.26 4.63
CA PRO A 80 -12.52 29.03 4.59
C PRO A 80 -13.05 28.33 5.84
N ILE A 81 -12.26 27.45 6.43
CA ILE A 81 -12.66 26.74 7.64
C ILE A 81 -12.81 27.72 8.81
N LEU A 82 -11.84 28.62 8.93
CA LEU A 82 -11.86 29.66 9.96
C LEU A 82 -13.08 30.57 9.77
N ILE A 83 -13.43 30.85 8.51
CA ILE A 83 -14.61 31.64 8.24
C ILE A 83 -15.89 30.89 8.65
N LEU A 84 -15.91 29.58 8.37
CA LEU A 84 -17.05 28.76 8.76
C LEU A 84 -17.20 28.65 10.27
N LEU A 85 -16.09 28.83 11.00
CA LEU A 85 -16.15 28.83 12.46
C LEU A 85 -17.01 29.96 13.03
N GLN A 86 -17.25 31.00 12.24
CA GLN A 86 -17.98 32.18 12.69
C GLN A 86 -19.45 32.15 12.28
N SER A 87 -19.94 30.97 11.90
CA SER A 87 -21.29 30.84 11.40
C SER A 87 -22.36 31.05 12.48
N GLN A 88 -23.54 31.50 12.05
CA GLN A 88 -24.67 31.67 12.95
C GLN A 88 -25.35 30.32 13.20
N ASP A 89 -25.08 29.37 12.30
CA ASP A 89 -25.65 28.03 12.40
C ASP A 89 -24.69 27.11 13.16
N PRO A 90 -25.12 26.64 14.35
CA PRO A 90 -24.30 25.77 15.20
C PRO A 90 -23.80 24.49 14.52
N GLN A 91 -24.56 23.93 13.58
CA GLN A 91 -24.13 22.70 12.93
C GLN A 91 -22.96 22.98 11.97
N ILE A 92 -22.98 24.15 11.33
CA ILE A 92 -21.88 24.57 10.48
C ILE A 92 -20.62 24.73 11.34
N GLN A 93 -20.78 25.38 12.48
CA GLN A 93 -19.68 25.57 13.43
C GLN A 93 -19.12 24.25 13.91
N VAL A 94 -19.99 23.29 14.20
CA VAL A 94 -19.58 21.98 14.67
C VAL A 94 -18.79 21.23 13.61
N ALA A 95 -19.29 21.22 12.38
CA ALA A 95 -18.60 20.53 11.28
C ALA A 95 -17.24 21.17 11.01
N ALA A 96 -17.23 22.50 10.90
CA ALA A 96 -16.01 23.24 10.64
C ALA A 96 -14.97 23.01 11.73
N CYS A 97 -15.43 22.99 12.98
CA CYS A 97 -14.52 22.81 14.10
C CYS A 97 -14.04 21.37 14.19
N ALA A 98 -14.83 20.43 13.67
CA ALA A 98 -14.40 19.05 13.58
C ALA A 98 -13.27 18.94 12.56
N ALA A 99 -13.44 19.65 11.44
CA ALA A 99 -12.39 19.71 10.42
C ALA A 99 -11.10 20.30 10.99
N LEU A 100 -11.24 21.45 11.64
CA LEU A 100 -10.10 22.16 12.22
C LEU A 100 -9.40 21.32 13.28
N GLY A 101 -10.17 20.69 14.15
CA GLY A 101 -9.64 19.85 15.20
C GLY A 101 -8.92 18.64 14.65
N ASN A 102 -9.46 18.04 13.59
CA ASN A 102 -8.79 16.93 12.93
C ASN A 102 -7.47 17.38 12.32
N LEU A 103 -7.46 18.55 11.70
CA LEU A 103 -6.25 19.09 11.11
C LEU A 103 -5.21 19.43 12.18
N ALA A 104 -5.69 19.76 13.38
CA ALA A 104 -4.82 20.17 14.48
C ALA A 104 -4.14 18.98 15.16
N VAL A 105 -4.19 17.82 14.50
CA VAL A 105 -3.45 16.66 14.95
C VAL A 105 -2.07 16.69 14.31
N ASN A 106 -1.96 17.43 13.20
CA ASN A 106 -0.68 17.68 12.56
C ASN A 106 0.04 18.83 13.24
N ASN A 107 1.34 18.66 13.50
CA ASN A 107 2.07 19.59 14.36
C ASN A 107 2.33 20.97 13.74
N GLU A 108 2.46 21.03 12.42
CA GLU A 108 2.69 22.33 11.76
C GLU A 108 1.36 23.06 11.57
N ASN A 109 0.29 22.28 11.41
CA ASN A 109 -1.06 22.83 11.37
C ASN A 109 -1.41 23.55 12.66
N LYS A 110 -1.02 22.98 13.80
CA LYS A 110 -1.28 23.62 15.09
C LYS A 110 -0.77 25.07 15.10
N LEU A 111 0.50 25.21 14.75
CA LEU A 111 1.15 26.50 14.68
C LEU A 111 0.47 27.43 13.68
N LEU A 112 0.25 26.94 12.46
CA LEU A 112 -0.36 27.79 11.44
C LEU A 112 -1.76 28.25 11.84
N ILE A 113 -2.52 27.37 12.47
CA ILE A 113 -3.87 27.68 12.93
C ILE A 113 -3.83 28.76 14.00
N VAL A 114 -2.90 28.66 14.94
CA VAL A 114 -2.82 29.69 15.97
C VAL A 114 -2.34 31.03 15.39
N GLU A 115 -1.40 30.97 14.45
CA GLU A 115 -0.86 32.17 13.82
C GLU A 115 -1.90 32.92 12.99
N MET A 116 -2.83 32.19 12.40
CA MET A 116 -3.89 32.78 11.60
C MET A 116 -5.04 33.31 12.45
N GLY A 117 -4.96 33.09 13.76
CA GLY A 117 -5.93 33.63 14.69
C GLY A 117 -7.16 32.77 14.91
N GLY A 118 -6.99 31.46 14.96
CA GLY A 118 -8.11 30.56 15.19
C GLY A 118 -8.61 30.59 16.62
N LEU A 119 -7.75 31.02 17.53
CA LEU A 119 -8.07 31.05 18.95
C LEU A 119 -9.28 31.94 19.26
N GLU A 120 -9.43 33.05 18.54
CA GLU A 120 -10.55 33.95 18.79
C GLU A 120 -11.90 33.29 18.45
N PRO A 121 -12.06 32.76 17.21
CA PRO A 121 -13.31 32.05 16.96
C PRO A 121 -13.52 30.86 17.89
N LEU A 122 -12.45 30.14 18.23
CA LEU A 122 -12.60 28.99 19.12
C LEU A 122 -13.09 29.39 20.52
N ILE A 123 -12.52 30.46 21.06
CA ILE A 123 -12.94 30.97 22.37
C ILE A 123 -14.41 31.41 22.31
N ASN A 124 -14.76 32.16 21.28
CA ASN A 124 -16.15 32.55 21.07
C ASN A 124 -17.08 31.33 21.05
N GLN A 125 -16.64 30.27 20.39
CA GLN A 125 -17.43 29.04 20.33
C GLN A 125 -17.56 28.38 21.68
N MET A 126 -16.51 28.43 22.48
CA MET A 126 -16.55 27.86 23.82
C MET A 126 -17.52 28.62 24.71
N MET A 127 -17.70 29.92 24.44
CA MET A 127 -18.59 30.72 25.28
C MET A 127 -20.07 30.66 24.85
N GLY A 128 -20.38 29.88 23.82
CA GLY A 128 -21.76 29.73 23.39
C GLY A 128 -22.55 28.73 24.22
N ASP A 129 -23.81 28.51 23.86
CA ASP A 129 -24.68 27.65 24.66
C ASP A 129 -24.91 26.27 24.04
N ASN A 130 -24.53 26.09 22.78
CA ASN A 130 -24.64 24.78 22.15
C ASN A 130 -23.52 23.86 22.63
N VAL A 131 -23.88 22.69 23.14
CA VAL A 131 -22.94 21.80 23.81
C VAL A 131 -21.99 21.08 22.84
N GLU A 132 -22.49 20.74 21.65
CA GLU A 132 -21.65 20.14 20.63
C GLU A 132 -20.57 21.10 20.17
N VAL A 133 -20.97 22.36 19.98
CA VAL A 133 -20.06 23.44 19.62
C VAL A 133 -18.97 23.59 20.69
N GLN A 134 -19.40 23.68 21.95
CA GLN A 134 -18.49 23.72 23.08
C GLN A 134 -17.48 22.58 23.02
N CYS A 135 -18.01 21.37 22.85
CA CYS A 135 -17.22 20.16 22.85
C CYS A 135 -16.12 20.18 21.78
N ASN A 136 -16.52 20.44 20.54
CA ASN A 136 -15.56 20.46 19.43
C ASN A 136 -14.55 21.61 19.54
N ALA A 137 -15.01 22.77 20.00
CA ALA A 137 -14.12 23.93 20.16
C ALA A 137 -13.04 23.65 21.20
N VAL A 138 -13.48 23.18 22.36
CA VAL A 138 -12.56 22.82 23.43
C VAL A 138 -11.60 21.74 22.98
N GLY A 139 -12.11 20.71 22.31
CA GLY A 139 -11.27 19.63 21.83
C GLY A 139 -10.20 20.14 20.87
N CYS A 140 -10.60 21.04 19.98
CA CYS A 140 -9.66 21.63 19.03
C CYS A 140 -8.56 22.38 19.78
N ILE A 141 -8.95 23.12 20.81
CA ILE A 141 -7.96 23.82 21.62
C ILE A 141 -7.02 22.83 22.36
N THR A 142 -7.59 21.71 22.81
CA THR A 142 -6.82 20.65 23.43
C THR A 142 -5.72 20.17 22.48
N ASN A 143 -6.10 19.93 21.23
CA ASN A 143 -5.13 19.50 20.23
C ASN A 143 -4.09 20.57 19.90
N LEU A 144 -4.53 21.82 19.83
CA LEU A 144 -3.60 22.92 19.57
C LEU A 144 -2.56 23.04 20.69
N ALA A 145 -2.98 22.74 21.91
CA ALA A 145 -2.11 22.90 23.07
C ALA A 145 -1.15 21.73 23.28
N THR A 146 -0.99 20.87 22.26
CA THR A 146 -0.01 19.79 22.34
C THR A 146 1.27 20.20 21.63
N ARG A 147 1.35 21.47 21.27
CA ARG A 147 2.58 22.06 20.74
C ARG A 147 3.05 23.13 21.72
N ASP A 148 4.30 23.01 22.17
CA ASP A 148 4.84 23.88 23.21
C ASP A 148 4.80 25.36 22.84
N ASP A 149 5.01 25.66 21.56
CA ASP A 149 4.94 27.03 21.07
C ASP A 149 3.57 27.64 21.36
N ASN A 150 2.54 26.83 21.25
CA ASN A 150 1.17 27.31 21.40
C ASN A 150 0.71 27.46 22.84
N LYS A 151 1.26 26.65 23.73
CA LYS A 151 0.80 26.55 25.12
C LYS A 151 0.70 27.91 25.82
N HIS A 152 1.77 28.71 25.73
CA HIS A 152 1.79 30.02 26.38
C HIS A 152 0.83 31.01 25.71
N LYS A 153 0.65 30.85 24.40
CA LYS A 153 -0.24 31.74 23.66
C LYS A 153 -1.71 31.47 23.99
N ILE A 154 -2.07 30.20 24.12
CA ILE A 154 -3.42 29.84 24.51
C ILE A 154 -3.65 30.19 25.97
N ALA A 155 -2.61 30.02 26.78
CA ALA A 155 -2.69 30.33 28.21
C ALA A 155 -3.00 31.81 28.45
N THR A 156 -2.51 32.67 27.58
CA THR A 156 -2.66 34.11 27.74
C THR A 156 -3.72 34.71 26.82
N SER A 157 -4.42 33.86 26.09
CA SER A 157 -5.39 34.33 25.10
C SER A 157 -6.76 34.64 25.71
N GLY A 158 -7.00 34.13 26.92
CA GLY A 158 -8.28 34.31 27.56
C GLY A 158 -9.08 33.01 27.58
N ALA A 159 -8.57 32.00 26.88
CA ALA A 159 -9.27 30.72 26.74
C ALA A 159 -9.43 29.99 28.07
N LEU A 160 -8.57 30.31 29.02
CA LEU A 160 -8.55 29.63 30.32
C LEU A 160 -9.86 29.75 31.10
N ILE A 161 -10.47 30.93 31.10
CA ILE A 161 -11.72 31.12 31.84
C ILE A 161 -12.86 30.24 31.28
N PRO A 162 -13.11 30.30 29.96
CA PRO A 162 -14.14 29.38 29.45
C PRO A 162 -13.77 27.90 29.56
N LEU A 163 -12.49 27.56 29.42
CA LEU A 163 -12.05 26.17 29.61
C LEU A 163 -12.40 25.70 31.01
N THR A 164 -12.11 26.55 31.98
CA THR A 164 -12.39 26.29 33.39
C THR A 164 -13.88 26.07 33.61
N LYS A 165 -14.70 26.94 33.02
CA LYS A 165 -16.14 26.78 33.17
C LYS A 165 -16.63 25.48 32.55
N LEU A 166 -16.14 25.18 31.35
CA LEU A 166 -16.58 24.00 30.60
C LEU A 166 -16.09 22.69 31.24
N ALA A 167 -15.08 22.79 32.09
CA ALA A 167 -14.63 21.63 32.85
C ALA A 167 -15.72 21.15 33.82
N LYS A 168 -16.65 22.05 34.14
CA LYS A 168 -17.76 21.72 35.05
C LYS A 168 -19.01 21.25 34.31
N SER A 169 -18.88 21.04 33.01
CA SER A 169 -20.01 20.61 32.18
C SER A 169 -20.55 19.24 32.61
N LYS A 170 -21.87 19.07 32.51
CA LYS A 170 -22.51 17.80 32.84
C LYS A 170 -22.30 16.77 31.73
N HIS A 171 -21.74 17.23 30.61
CA HIS A 171 -21.47 16.35 29.49
C HIS A 171 -20.01 15.87 29.52
N ILE A 172 -19.84 14.55 29.48
CA ILE A 172 -18.57 13.93 29.78
C ILE A 172 -17.49 14.17 28.72
N ARG A 173 -17.90 14.28 27.45
CA ARG A 173 -16.95 14.52 26.37
C ARG A 173 -16.36 15.92 26.50
N VAL A 174 -17.24 16.88 26.79
CA VAL A 174 -16.82 18.24 27.09
C VAL A 174 -15.82 18.24 28.23
N GLN A 175 -16.17 17.57 29.32
CA GLN A 175 -15.32 17.50 30.51
C GLN A 175 -13.93 16.96 30.19
N ARG A 176 -13.90 15.89 29.40
CA ARG A 176 -12.62 15.29 29.02
C ARG A 176 -11.78 16.25 28.19
N ASN A 177 -12.40 16.87 27.17
CA ASN A 177 -11.68 17.84 26.36
C ASN A 177 -11.11 18.99 27.20
N ALA A 178 -11.96 19.56 28.06
CA ALA A 178 -11.60 20.70 28.89
C ALA A 178 -10.47 20.38 29.86
N THR A 179 -10.62 19.30 30.62
CA THR A 179 -9.61 18.90 31.59
C THR A 179 -8.32 18.49 30.90
N GLY A 180 -8.44 17.97 29.68
CA GLY A 180 -7.27 17.63 28.89
C GLY A 180 -6.50 18.87 28.46
N ALA A 181 -7.23 19.90 28.05
CA ALA A 181 -6.61 21.18 27.70
C ALA A 181 -5.91 21.77 28.91
N LEU A 182 -6.61 21.76 30.05
CA LEU A 182 -6.04 22.23 31.31
C LEU A 182 -4.74 21.48 31.62
N LEU A 183 -4.76 20.16 31.45
CA LEU A 183 -3.55 19.36 31.63
C LEU A 183 -2.43 19.85 30.70
N ASN A 184 -2.76 20.10 29.45
CA ASN A 184 -1.79 20.62 28.50
C ASN A 184 -1.30 22.02 28.87
N MET A 185 -1.97 22.66 29.82
CA MET A 185 -1.50 23.96 30.34
C MET A 185 -0.61 23.88 31.59
N THR A 186 -0.20 22.69 32.00
CA THR A 186 0.55 22.57 33.26
C THR A 186 2.02 22.19 33.09
N HIS A 187 2.54 22.29 31.88
CA HIS A 187 3.90 21.81 31.61
C HIS A 187 4.99 22.86 31.80
N SER A 188 4.59 24.10 32.04
CA SER A 188 5.56 25.15 32.37
C SER A 188 5.08 25.94 33.58
N GLU A 189 6.01 26.47 34.35
CA GLU A 189 5.69 27.26 35.55
C GLU A 189 4.76 28.42 35.24
N GLU A 190 5.04 29.09 34.12
CA GLU A 190 4.28 30.26 33.69
C GLU A 190 2.82 29.90 33.43
N ASN A 191 2.61 28.86 32.63
CA ASN A 191 1.26 28.43 32.28
C ASN A 191 0.50 27.90 33.49
N ARG A 192 1.22 27.25 34.41
CA ARG A 192 0.61 26.80 35.66
C ARG A 192 0.15 27.99 36.48
N LYS A 193 0.96 29.04 36.50
CA LYS A 193 0.59 30.29 37.16
C LYS A 193 -0.69 30.87 36.55
N GLU A 194 -0.74 30.88 35.21
CA GLU A 194 -1.94 31.33 34.51
C GLU A 194 -3.16 30.49 34.87
N LEU A 195 -2.94 29.18 35.05
CA LEU A 195 -4.01 28.26 35.36
C LEU A 195 -4.59 28.52 36.74
N VAL A 196 -3.69 28.69 37.72
CA VAL A 196 -4.11 29.01 39.08
C VAL A 196 -4.84 30.34 39.12
N ASN A 197 -4.34 31.33 38.38
CA ASN A 197 -4.97 32.65 38.35
C ASN A 197 -6.35 32.63 37.71
N ALA A 198 -6.60 31.62 36.88
CA ALA A 198 -7.88 31.53 36.17
C ALA A 198 -8.95 30.86 37.04
N GLY A 199 -8.53 30.26 38.16
CA GLY A 199 -9.44 29.64 39.10
C GLY A 199 -9.74 28.18 38.82
N ALA A 200 -8.82 27.50 38.14
CA ALA A 200 -9.04 26.12 37.71
C ALA A 200 -8.91 25.09 38.84
N VAL A 201 -8.13 25.43 39.86
CA VAL A 201 -7.80 24.48 40.93
C VAL A 201 -9.00 23.90 41.69
N PRO A 202 -9.95 24.75 42.16
CA PRO A 202 -11.11 24.17 42.86
C PRO A 202 -11.87 23.17 41.98
N VAL A 203 -12.01 23.53 40.70
CA VAL A 203 -12.67 22.67 39.72
C VAL A 203 -11.97 21.33 39.56
N LEU A 204 -10.65 21.37 39.37
CA LEU A 204 -9.85 20.16 39.21
C LEU A 204 -9.95 19.25 40.43
N VAL A 205 -9.76 19.84 41.61
CA VAL A 205 -9.85 19.11 42.87
C VAL A 205 -11.21 18.44 43.02
N SER A 206 -12.27 19.19 42.71
CA SER A 206 -13.62 18.63 42.81
C SER A 206 -13.80 17.49 41.81
N LEU A 207 -13.15 17.61 40.65
CA LEU A 207 -13.24 16.58 39.63
C LEU A 207 -12.35 15.38 39.91
N LEU A 208 -11.54 15.45 40.96
CA LEU A 208 -10.86 14.23 41.44
C LEU A 208 -11.85 13.14 41.85
N SER A 209 -13.08 13.54 42.18
CA SER A 209 -14.11 12.59 42.61
C SER A 209 -14.97 12.11 41.44
N SER A 210 -14.59 12.49 40.22
CA SER A 210 -15.31 12.06 39.02
C SER A 210 -15.24 10.55 38.83
N THR A 211 -16.34 9.97 38.36
CA THR A 211 -16.41 8.52 38.16
C THR A 211 -15.88 8.12 36.80
N ASP A 212 -15.45 9.10 36.01
CA ASP A 212 -14.88 8.84 34.69
C ASP A 212 -13.34 8.77 34.77
N PRO A 213 -12.77 7.61 34.39
CA PRO A 213 -11.32 7.37 34.44
C PRO A 213 -10.49 8.46 33.75
N ASP A 214 -10.92 8.87 32.56
CA ASP A 214 -10.19 9.88 31.79
C ASP A 214 -10.15 11.23 32.51
N VAL A 215 -11.32 11.69 32.97
CA VAL A 215 -11.42 12.97 33.65
C VAL A 215 -10.56 12.99 34.91
N GLN A 216 -10.64 11.93 35.70
CA GLN A 216 -9.89 11.87 36.95
C GLN A 216 -8.39 11.71 36.69
N TYR A 217 -8.02 11.06 35.59
CA TYR A 217 -6.60 10.97 35.24
C TYR A 217 -6.04 12.33 34.83
N TYR A 218 -6.78 13.03 33.97
CA TYR A 218 -6.38 14.37 33.53
C TYR A 218 -6.27 15.33 34.71
N CYS A 219 -7.23 15.26 35.63
CA CYS A 219 -7.27 16.17 36.76
C CYS A 219 -6.19 15.84 37.79
N THR A 220 -5.97 14.55 38.02
CA THR A 220 -4.91 14.10 38.91
C THR A 220 -3.55 14.54 38.39
N THR A 221 -3.33 14.37 37.09
CA THR A 221 -2.06 14.76 36.48
C THR A 221 -1.88 16.27 36.51
N ALA A 222 -2.94 17.01 36.19
CA ALA A 222 -2.90 18.47 36.19
C ALA A 222 -2.56 19.01 37.57
N LEU A 223 -3.21 18.47 38.59
CA LEU A 223 -2.93 18.90 39.96
C LEU A 223 -1.52 18.48 40.40
N SER A 224 -1.11 17.29 40.00
CA SER A 224 0.24 16.81 40.30
C SER A 224 1.28 17.76 39.74
N ASN A 225 1.04 18.26 38.53
CA ASN A 225 1.95 19.20 37.88
C ASN A 225 1.91 20.57 38.54
N ILE A 226 0.70 21.01 38.90
CA ILE A 226 0.53 22.26 39.63
C ILE A 226 1.31 22.22 40.95
N ALA A 227 1.37 21.04 41.56
CA ALA A 227 2.04 20.87 42.85
C ALA A 227 3.57 20.83 42.74
N VAL A 228 4.08 21.05 41.54
CA VAL A 228 5.54 21.08 41.32
C VAL A 228 6.12 22.39 41.85
N ASP A 229 5.30 23.44 41.88
CA ASP A 229 5.73 24.75 42.37
C ASP A 229 5.41 24.97 43.85
N GLU A 230 6.40 25.43 44.59
CA GLU A 230 6.28 25.72 46.03
C GLU A 230 5.06 26.58 46.40
N ALA A 231 4.94 27.72 45.73
CA ALA A 231 3.86 28.67 45.99
C ALA A 231 2.49 28.04 45.80
N ASN A 232 2.37 27.19 44.78
CA ASN A 232 1.12 26.50 44.52
C ASN A 232 0.81 25.49 45.62
N ARG A 233 1.83 24.82 46.14
CA ARG A 233 1.64 23.89 47.25
C ARG A 233 1.14 24.62 48.48
N LYS A 234 1.71 25.79 48.76
CA LYS A 234 1.25 26.60 49.89
C LYS A 234 -0.21 27.07 49.68
N LYS A 235 -0.51 27.54 48.47
CA LYS A 235 -1.87 27.90 48.11
C LYS A 235 -2.85 26.76 48.38
N LEU A 236 -2.51 25.58 47.87
CA LEU A 236 -3.32 24.37 48.04
C LEU A 236 -3.53 24.04 49.51
N ALA A 237 -2.47 24.21 50.30
CA ALA A 237 -2.55 23.94 51.73
C ALA A 237 -3.48 24.93 52.42
N GLN A 238 -3.59 26.14 51.88
CA GLN A 238 -4.52 27.11 52.45
C GLN A 238 -5.96 26.91 52.01
N THR A 239 -6.16 26.54 50.74
CA THR A 239 -7.49 26.61 50.14
C THR A 239 -8.18 25.27 49.84
N GLU A 240 -7.40 24.19 49.71
CA GLU A 240 -7.98 22.90 49.29
C GLU A 240 -7.73 21.80 50.32
N PRO A 241 -8.53 21.78 51.40
CA PRO A 241 -8.33 20.83 52.51
C PRO A 241 -8.71 19.38 52.18
N ARG A 242 -9.44 19.17 51.09
CA ARG A 242 -9.92 17.83 50.72
C ARG A 242 -8.97 17.11 49.76
N LEU A 243 -7.92 17.80 49.33
CA LEU A 243 -7.01 17.30 48.29
C LEU A 243 -6.37 15.95 48.62
N VAL A 244 -5.71 15.88 49.77
CA VAL A 244 -4.98 14.68 50.16
C VAL A 244 -5.91 13.47 50.31
N SER A 245 -7.09 13.69 50.90
CA SER A 245 -8.07 12.61 51.04
C SER A 245 -8.43 12.01 49.69
N LYS A 246 -8.74 12.89 48.74
CA LYS A 246 -9.09 12.47 47.38
C LYS A 246 -7.97 11.71 46.70
N LEU A 247 -6.74 12.24 46.76
CA LEU A 247 -5.61 11.57 46.13
C LEU A 247 -5.36 10.19 46.76
N VAL A 248 -5.47 10.14 48.09
CA VAL A 248 -5.31 8.88 48.82
C VAL A 248 -6.33 7.84 48.36
N SER A 249 -7.59 8.25 48.25
CA SER A 249 -8.62 7.33 47.77
C SER A 249 -8.35 6.94 46.31
N LEU A 250 -7.71 7.82 45.56
CA LEU A 250 -7.35 7.52 44.18
C LEU A 250 -6.17 6.54 44.08
N MET A 251 -5.41 6.40 45.16
CA MET A 251 -4.34 5.40 45.17
C MET A 251 -4.89 3.96 45.14
N ASP A 252 -6.19 3.81 45.31
CA ASP A 252 -6.83 2.49 45.27
C ASP A 252 -7.69 2.34 44.02
N SER A 253 -7.53 3.25 43.07
CA SER A 253 -8.25 3.18 41.81
C SER A 253 -7.93 1.88 41.06
N PRO A 254 -8.93 1.31 40.38
CA PRO A 254 -8.68 0.12 39.55
C PRO A 254 -7.86 0.43 38.31
N SER A 255 -7.69 1.71 38.00
CA SER A 255 -6.83 2.14 36.90
C SER A 255 -5.41 2.36 37.40
N SER A 256 -4.44 1.70 36.76
CA SER A 256 -3.06 1.75 37.21
C SER A 256 -2.42 3.11 36.97
N ARG A 257 -2.79 3.77 35.88
CA ARG A 257 -2.24 5.09 35.58
C ARG A 257 -2.76 6.13 36.58
N VAL A 258 -4.00 5.95 37.02
CA VAL A 258 -4.59 6.82 38.03
C VAL A 258 -3.90 6.59 39.38
N LYS A 259 -3.74 5.33 39.75
CA LYS A 259 -2.96 4.95 40.92
C LYS A 259 -1.60 5.64 40.95
N CYS A 260 -0.88 5.47 39.85
CA CYS A 260 0.49 5.95 39.74
C CYS A 260 0.55 7.47 39.81
N GLN A 261 -0.34 8.14 39.09
CA GLN A 261 -0.32 9.59 39.09
C GLN A 261 -0.74 10.16 40.44
N ALA A 262 -1.71 9.51 41.09
CA ALA A 262 -2.12 9.92 42.44
C ALA A 262 -0.93 9.84 43.39
N THR A 263 -0.20 8.73 43.30
CA THR A 263 0.99 8.54 44.12
C THR A 263 2.05 9.61 43.84
N LEU A 264 2.21 9.95 42.57
CA LEU A 264 3.19 10.97 42.17
C LEU A 264 2.78 12.37 42.66
N ALA A 265 1.49 12.64 42.63
CA ALA A 265 0.95 13.91 43.12
C ALA A 265 1.20 14.04 44.61
N LEU A 266 0.97 12.94 45.33
CA LEU A 266 1.21 12.92 46.77
C LEU A 266 2.70 13.09 47.08
N ARG A 267 3.54 12.50 46.25
CA ARG A 267 4.99 12.65 46.42
C ARG A 267 5.44 14.10 46.17
N ASN A 268 4.88 14.73 45.14
CA ASN A 268 5.18 16.13 44.86
C ASN A 268 4.77 17.01 46.03
N LEU A 269 3.54 16.79 46.51
CA LEU A 269 3.03 17.53 47.66
C LEU A 269 3.91 17.32 48.88
N ALA A 270 4.46 16.12 49.03
CA ALA A 270 5.26 15.77 50.20
C ALA A 270 6.62 16.48 50.21
N SER A 271 6.86 17.35 49.24
CA SER A 271 8.02 18.23 49.28
C SER A 271 7.94 19.14 50.50
N ASP A 272 6.71 19.47 50.91
CA ASP A 272 6.46 20.29 52.08
C ASP A 272 6.21 19.41 53.32
N THR A 273 6.65 19.88 54.48
CA THR A 273 6.55 19.11 55.72
C THR A 273 5.09 18.89 56.13
N SER A 274 4.28 19.94 55.97
CA SER A 274 2.87 19.88 56.35
C SER A 274 2.15 18.74 55.63
N TYR A 275 2.44 18.57 54.35
CA TYR A 275 1.85 17.49 53.57
C TYR A 275 2.42 16.15 53.97
N GLN A 276 3.69 16.12 54.39
CA GLN A 276 4.29 14.91 54.90
C GLN A 276 3.49 14.41 56.10
N LEU A 277 3.07 15.34 56.95
CA LEU A 277 2.21 14.96 58.09
C LEU A 277 0.79 14.60 57.65
N GLU A 278 0.24 15.40 56.74
CA GLU A 278 -1.16 15.26 56.34
C GLU A 278 -1.46 13.95 55.62
N ILE A 279 -0.54 13.52 54.75
CA ILE A 279 -0.73 12.28 54.00
C ILE A 279 -0.79 11.09 54.94
N VAL A 280 0.06 11.11 55.97
CA VAL A 280 0.03 10.07 56.99
C VAL A 280 -1.27 10.13 57.77
N ARG A 281 -1.68 11.34 58.14
CA ARG A 281 -2.91 11.54 58.90
C ARG A 281 -4.15 11.08 58.12
N ALA A 282 -4.06 11.12 56.80
CA ALA A 282 -5.21 10.79 55.93
C ALA A 282 -5.28 9.31 55.58
N GLY A 283 -4.30 8.53 56.02
CA GLY A 283 -4.31 7.10 55.83
C GLY A 283 -3.62 6.60 54.57
N GLY A 284 -2.61 7.32 54.11
CA GLY A 284 -1.91 6.97 52.88
C GLY A 284 -0.88 5.87 53.02
N LEU A 285 -0.40 5.66 54.24
CA LEU A 285 0.69 4.71 54.49
C LEU A 285 0.39 3.26 54.08
N PRO A 286 -0.78 2.71 54.47
CA PRO A 286 -1.01 1.32 54.02
C PRO A 286 -1.06 1.18 52.50
N HIS A 287 -1.66 2.16 51.84
CA HIS A 287 -1.69 2.20 50.38
C HIS A 287 -0.27 2.20 49.82
N LEU A 288 0.62 2.99 50.42
CA LEU A 288 2.00 3.05 49.96
C LEU A 288 2.76 1.74 50.24
N VAL A 289 2.40 1.07 51.34
CA VAL A 289 2.99 -0.23 51.66
C VAL A 289 2.64 -1.21 50.57
N LYS A 290 1.37 -1.25 50.18
CA LYS A 290 0.96 -2.13 49.10
C LYS A 290 1.67 -1.76 47.81
N LEU A 291 1.74 -0.46 47.53
CA LEU A 291 2.27 0.02 46.25
C LEU A 291 3.77 -0.24 46.07
N ILE A 292 4.56 -0.19 47.14
CA ILE A 292 5.99 -0.46 46.98
C ILE A 292 6.26 -1.96 46.76
N GLN A 293 5.22 -2.78 46.96
CA GLN A 293 5.35 -4.21 46.73
C GLN A 293 4.55 -4.63 45.50
N SER A 294 4.30 -3.68 44.62
CA SER A 294 3.57 -3.94 43.38
C SER A 294 4.41 -4.76 42.42
N ASP A 295 3.75 -5.43 41.48
CA ASP A 295 4.43 -6.19 40.44
C ASP A 295 4.95 -5.24 39.36
N SER A 296 4.36 -4.06 39.30
CA SER A 296 4.71 -3.05 38.29
C SER A 296 5.79 -2.11 38.82
N ILE A 297 6.90 -2.04 38.07
CA ILE A 297 8.06 -1.23 38.46
C ILE A 297 7.74 0.28 38.61
N PRO A 298 6.94 0.87 37.69
CA PRO A 298 6.55 2.27 37.90
C PRO A 298 5.86 2.56 39.24
N LEU A 299 4.88 1.75 39.62
CA LEU A 299 4.17 1.94 40.88
C LEU A 299 5.15 1.91 42.05
N VAL A 300 6.07 0.95 42.02
CA VAL A 300 7.11 0.83 43.04
C VAL A 300 7.93 2.11 43.11
N LEU A 301 8.39 2.59 41.97
CA LEU A 301 9.20 3.80 41.91
C LEU A 301 8.48 5.01 42.53
N ALA A 302 7.27 5.26 42.05
CA ALA A 302 6.48 6.38 42.56
C ALA A 302 6.24 6.29 44.06
N SER A 303 5.90 5.09 44.52
CA SER A 303 5.54 4.90 45.93
C SER A 303 6.76 4.99 46.86
N VAL A 304 7.90 4.50 46.40
CA VAL A 304 9.11 4.54 47.23
C VAL A 304 9.66 5.97 47.28
N ALA A 305 9.47 6.71 46.19
CA ALA A 305 9.82 8.13 46.20
C ALA A 305 8.91 8.88 47.18
N CYS A 306 7.63 8.55 47.15
CA CYS A 306 6.66 9.19 48.04
C CYS A 306 6.99 8.94 49.51
N ILE A 307 7.17 7.67 49.88
CA ILE A 307 7.50 7.34 51.26
C ILE A 307 8.87 7.91 51.64
N ARG A 308 9.75 8.06 50.65
CA ARG A 308 11.03 8.71 50.89
C ARG A 308 10.82 10.15 51.35
N ASN A 309 9.93 10.87 50.67
CA ASN A 309 9.64 12.24 51.10
C ASN A 309 8.92 12.28 52.45
N ILE A 310 8.01 11.34 52.66
CA ILE A 310 7.21 11.32 53.88
C ILE A 310 8.04 11.00 55.13
N SER A 311 9.07 10.18 54.96
CA SER A 311 9.89 9.72 56.09
C SER A 311 10.81 10.81 56.67
N ILE A 312 10.80 11.99 56.07
CA ILE A 312 11.68 13.08 56.48
C ILE A 312 11.21 13.72 57.78
N HIS A 313 9.90 13.61 58.04
CA HIS A 313 9.31 14.19 59.23
C HIS A 313 9.41 13.23 60.41
N PRO A 314 10.08 13.65 61.50
CA PRO A 314 10.28 12.82 62.69
C PRO A 314 8.98 12.24 63.26
N LEU A 315 7.94 13.08 63.33
CA LEU A 315 6.65 12.67 63.86
C LEU A 315 6.01 11.49 63.12
N ASN A 316 6.55 11.17 61.94
CA ASN A 316 6.02 10.07 61.15
C ASN A 316 6.72 8.74 61.39
N GLU A 317 7.94 8.81 61.93
CA GLU A 317 8.83 7.63 62.01
C GLU A 317 8.13 6.38 62.57
N GLY A 318 7.63 6.47 63.80
CA GLY A 318 6.90 5.38 64.41
C GLY A 318 5.78 4.87 63.52
N LEU A 319 4.96 5.78 63.02
CA LEU A 319 3.83 5.42 62.17
C LEU A 319 4.28 4.70 60.91
N ILE A 320 5.48 5.01 60.45
CA ILE A 320 6.00 4.36 59.25
C ILE A 320 6.43 2.94 59.57
N VAL A 321 6.99 2.73 60.76
CA VAL A 321 7.43 1.40 61.15
C VAL A 321 6.23 0.52 61.46
N ASP A 322 5.23 1.09 62.13
CA ASP A 322 4.02 0.35 62.47
C ASP A 322 3.23 -0.11 61.25
N ALA A 323 3.35 0.64 60.15
CA ALA A 323 2.65 0.29 58.91
C ALA A 323 3.34 -0.87 58.20
N GLY A 324 4.57 -1.19 58.61
CA GLY A 324 5.29 -2.33 58.08
C GLY A 324 6.10 -2.03 56.83
N PHE A 325 6.87 -0.94 56.88
CA PHE A 325 7.68 -0.53 55.72
C PHE A 325 9.09 -1.12 55.71
N LEU A 326 9.65 -1.34 56.89
CA LEU A 326 11.07 -1.69 57.03
C LEU A 326 11.52 -2.85 56.13
N LYS A 327 10.87 -3.99 56.25
CA LYS A 327 11.27 -5.18 55.50
C LYS A 327 10.99 -5.07 53.99
N PRO A 328 9.82 -4.53 53.58
CA PRO A 328 9.67 -4.30 52.14
C PRO A 328 10.75 -3.37 51.57
N LEU A 329 11.07 -2.30 52.31
CA LEU A 329 12.13 -1.38 51.92
C LEU A 329 13.45 -2.12 51.77
N VAL A 330 13.77 -2.97 52.74
CA VAL A 330 14.98 -3.79 52.69
C VAL A 330 14.99 -4.66 51.43
N ARG A 331 13.85 -5.25 51.12
CA ARG A 331 13.74 -6.12 49.96
C ARG A 331 13.89 -5.37 48.64
N LEU A 332 13.55 -4.08 48.65
CA LEU A 332 13.72 -3.25 47.46
C LEU A 332 15.18 -3.14 47.02
N LEU A 333 16.10 -3.41 47.95
CA LEU A 333 17.53 -3.29 47.67
C LEU A 333 18.03 -4.36 46.69
N ASP A 334 17.26 -5.44 46.57
CA ASP A 334 17.61 -6.51 45.64
C ASP A 334 17.15 -6.20 44.21
N TYR A 335 16.52 -5.05 44.02
CA TYR A 335 16.20 -4.58 42.67
C TYR A 335 17.46 -4.04 42.00
N LYS A 336 18.36 -4.93 41.64
CA LYS A 336 19.67 -4.55 41.10
C LYS A 336 19.59 -3.80 39.76
N ASP A 337 18.45 -3.91 39.08
CA ASP A 337 18.29 -3.28 37.77
C ASP A 337 17.69 -1.88 37.87
N SER A 338 17.27 -1.49 39.06
CA SER A 338 16.73 -0.14 39.27
C SER A 338 17.53 0.62 40.32
N GLU A 339 18.45 1.47 39.84
CA GLU A 339 19.34 2.25 40.70
C GLU A 339 18.55 3.26 41.55
N GLU A 340 17.55 3.87 40.92
CA GLU A 340 16.75 4.90 41.57
C GLU A 340 15.94 4.32 42.73
N ILE A 341 15.34 3.15 42.51
CA ILE A 341 14.55 2.50 43.54
C ILE A 341 15.41 2.12 44.76
N GLN A 342 16.60 1.58 44.48
CA GLN A 342 17.56 1.25 45.52
C GLN A 342 17.93 2.48 46.31
N CYS A 343 18.27 3.53 45.58
CA CYS A 343 18.59 4.80 46.20
C CYS A 343 17.48 5.29 47.13
N HIS A 344 16.21 5.32 46.71
CA HIS A 344 15.34 5.98 47.67
C HIS A 344 14.89 4.98 48.76
N ALA A 345 15.03 3.67 48.51
CA ALA A 345 14.79 2.70 49.59
C ALA A 345 15.81 2.92 50.72
N VAL A 346 17.09 2.92 50.36
CA VAL A 346 18.14 3.14 51.34
C VAL A 346 18.00 4.51 52.01
N SER A 347 17.58 5.51 51.23
CA SER A 347 17.38 6.85 51.79
C SER A 347 16.26 6.87 52.84
N THR A 348 15.16 6.18 52.56
CA THR A 348 14.06 6.07 53.50
C THR A 348 14.53 5.37 54.79
N LEU A 349 15.23 4.25 54.60
CA LEU A 349 15.82 3.52 55.71
C LEU A 349 16.69 4.42 56.58
N ARG A 350 17.52 5.23 55.95
CA ARG A 350 18.35 6.19 56.66
C ARG A 350 17.49 7.19 57.45
N ASN A 351 16.40 7.61 56.84
CA ASN A 351 15.46 8.49 57.55
C ASN A 351 14.84 7.80 58.76
N LEU A 352 14.86 6.48 58.77
CA LEU A 352 14.37 5.74 59.93
C LEU A 352 15.49 5.28 60.88
N ALA A 353 16.70 5.79 60.69
CA ALA A 353 17.88 5.25 61.38
C ALA A 353 18.25 5.97 62.67
N ALA A 354 17.58 7.08 62.98
CA ALA A 354 17.85 7.81 64.21
C ALA A 354 16.54 8.13 64.93
N SER A 355 15.75 7.09 65.19
CA SER A 355 14.44 7.25 65.78
C SER A 355 14.45 6.89 67.27
N SER A 356 13.27 6.54 67.79
CA SER A 356 13.17 6.11 69.18
C SER A 356 13.74 4.70 69.33
N GLU A 357 13.81 4.21 70.57
CA GLU A 357 14.42 2.91 70.84
C GLU A 357 13.63 1.76 70.22
N LYS A 358 12.31 1.84 70.32
CA LYS A 358 11.42 0.85 69.73
C LYS A 358 11.69 0.69 68.23
N ASN A 359 11.67 1.81 67.52
CA ASN A 359 11.91 1.83 66.08
C ASN A 359 13.33 1.38 65.72
N ARG A 360 14.28 1.63 66.62
CA ARG A 360 15.66 1.21 66.40
C ARG A 360 15.76 -0.31 66.46
N LYS A 361 15.19 -0.88 67.52
CA LYS A 361 15.13 -2.33 67.66
C LYS A 361 14.45 -2.97 66.46
N GLU A 362 13.33 -2.38 66.03
CA GLU A 362 12.64 -2.88 64.85
C GLU A 362 13.53 -2.80 63.61
N PHE A 363 14.28 -1.71 63.51
CA PHE A 363 15.20 -1.49 62.39
C PHE A 363 16.25 -2.58 62.30
N PHE A 364 16.81 -2.95 63.45
CA PHE A 364 17.87 -3.96 63.47
C PHE A 364 17.38 -5.38 63.21
N GLU A 365 16.07 -5.61 63.38
CA GLU A 365 15.50 -6.92 63.12
C GLU A 365 14.98 -7.04 61.69
N SER A 366 15.18 -6.01 60.90
CA SER A 366 14.67 -5.98 59.53
C SER A 366 15.68 -6.50 58.53
N GLY A 367 16.93 -6.64 58.96
CA GLY A 367 18.00 -7.12 58.09
C GLY A 367 18.55 -6.03 57.21
N ALA A 368 18.29 -4.77 57.58
CA ALA A 368 18.74 -3.63 56.81
C ALA A 368 20.26 -3.50 56.82
N VAL A 369 20.85 -3.68 58.00
CA VAL A 369 22.30 -3.58 58.16
C VAL A 369 23.04 -4.59 57.30
N GLU A 370 22.63 -5.86 57.40
CA GLU A 370 23.27 -6.94 56.66
C GLU A 370 23.15 -6.74 55.14
N LYS A 371 21.95 -6.38 54.69
CA LYS A 371 21.71 -6.17 53.28
C LYS A 371 22.51 -4.99 52.73
N CYS A 372 22.57 -3.91 53.51
CA CYS A 372 23.37 -2.74 53.12
C CYS A 372 24.85 -3.09 53.04
N LYS A 373 25.33 -3.84 54.02
CA LYS A 373 26.71 -4.30 54.03
C LYS A 373 27.01 -5.16 52.80
N GLU A 374 26.06 -6.01 52.44
CA GLU A 374 26.17 -6.85 51.25
C GLU A 374 26.22 -6.00 49.98
N LEU A 375 25.47 -4.91 49.98
CA LEU A 375 25.29 -4.09 48.79
C LEU A 375 26.38 -3.02 48.66
N ALA A 376 27.11 -2.77 49.74
CA ALA A 376 28.04 -1.64 49.83
C ALA A 376 29.20 -1.70 48.84
N LEU A 377 29.62 -2.89 48.44
CA LEU A 377 30.74 -3.03 47.52
C LEU A 377 30.32 -3.62 46.18
N ASP A 378 29.01 -3.68 45.94
CA ASP A 378 28.49 -4.29 44.73
C ASP A 378 27.23 -3.55 44.24
N SER A 379 27.36 -2.24 44.05
CA SER A 379 26.24 -1.40 43.64
C SER A 379 26.75 -0.11 43.03
N PRO A 380 25.89 0.61 42.29
CA PRO A 380 26.26 1.94 41.78
C PRO A 380 26.73 2.90 42.88
N VAL A 381 27.53 3.89 42.51
CA VAL A 381 28.13 4.79 43.49
C VAL A 381 27.08 5.65 44.21
N SER A 382 25.94 5.88 43.56
CA SER A 382 24.83 6.58 44.20
C SER A 382 24.28 5.78 45.38
N VAL A 383 24.01 4.51 45.11
CA VAL A 383 23.55 3.58 46.13
C VAL A 383 24.59 3.48 47.24
N GLN A 384 25.86 3.45 46.86
CA GLN A 384 26.96 3.44 47.82
C GLN A 384 26.91 4.67 48.73
N SER A 385 26.64 5.82 48.13
CA SER A 385 26.56 7.08 48.86
C SER A 385 25.48 7.00 49.91
N GLU A 386 24.29 6.58 49.46
CA GLU A 386 23.15 6.47 50.37
C GLU A 386 23.43 5.49 51.53
N ILE A 387 23.96 4.32 51.19
CA ILE A 387 24.31 3.32 52.20
C ILE A 387 25.30 3.87 53.21
N SER A 388 26.33 4.53 52.70
CA SER A 388 27.38 5.10 53.54
C SER A 388 26.80 6.11 54.52
N ALA A 389 25.91 6.97 54.02
CA ALA A 389 25.23 7.93 54.89
C ALA A 389 24.41 7.20 55.96
N CYS A 390 23.66 6.18 55.53
CA CYS A 390 22.85 5.40 56.46
C CYS A 390 23.69 4.82 57.60
N PHE A 391 24.82 4.22 57.26
CA PHE A 391 25.76 3.73 58.25
C PHE A 391 26.23 4.84 59.18
N ALA A 392 26.56 5.99 58.58
CA ALA A 392 27.05 7.14 59.34
C ALA A 392 26.03 7.61 60.39
N ILE A 393 24.75 7.59 60.02
CA ILE A 393 23.69 8.03 60.94
C ILE A 393 23.44 6.97 62.01
N LEU A 394 23.36 5.70 61.58
CA LEU A 394 23.21 4.58 62.49
C LEU A 394 24.29 4.59 63.59
N ALA A 395 25.52 4.90 63.19
CA ALA A 395 26.66 4.85 64.10
C ALA A 395 26.61 5.91 65.20
N LEU A 396 25.70 6.89 65.07
CA LEU A 396 25.60 7.97 66.06
C LEU A 396 25.06 7.48 67.40
N ALA A 397 24.24 6.42 67.37
CA ALA A 397 23.64 5.89 68.59
C ALA A 397 24.60 4.95 69.31
N ASP A 398 24.97 5.33 70.53
CA ASP A 398 25.86 4.51 71.36
C ASP A 398 25.31 3.08 71.50
N VAL A 399 24.05 3.01 71.89
CA VAL A 399 23.32 1.75 72.07
C VAL A 399 23.51 0.77 70.91
N SER A 400 23.77 1.28 69.72
CA SER A 400 23.86 0.46 68.51
C SER A 400 25.27 0.01 68.16
N LYS A 401 26.28 0.76 68.62
CA LYS A 401 27.64 0.61 68.11
C LYS A 401 28.14 -0.84 68.11
N LEU A 402 28.17 -1.47 69.28
CA LEU A 402 28.56 -2.87 69.39
C LEU A 402 27.84 -3.74 68.38
N ASP A 403 26.51 -3.59 68.30
CA ASP A 403 25.71 -4.37 67.36
C ASP A 403 26.23 -4.19 65.93
N LEU A 404 26.46 -2.93 65.55
CA LEU A 404 26.95 -2.65 64.20
C LEU A 404 28.31 -3.31 63.99
N LEU A 405 29.11 -3.36 65.05
CA LEU A 405 30.41 -4.01 64.96
C LEU A 405 30.27 -5.52 64.85
N GLU A 406 29.23 -6.08 65.46
CA GLU A 406 29.02 -7.52 65.43
C GLU A 406 28.53 -7.98 64.07
N ALA A 407 27.99 -7.05 63.30
CA ALA A 407 27.54 -7.34 61.94
C ALA A 407 28.71 -7.18 60.98
N ASN A 408 29.87 -6.88 61.54
CA ASN A 408 31.10 -6.76 60.77
C ASN A 408 30.98 -5.70 59.68
N ILE A 409 30.42 -4.56 60.10
CA ILE A 409 30.22 -3.40 59.26
C ILE A 409 31.55 -2.83 58.76
N LEU A 410 32.61 -3.05 59.53
CA LEU A 410 33.93 -2.51 59.20
C LEU A 410 34.45 -3.08 57.88
N ASP A 411 33.98 -4.27 57.54
CA ASP A 411 34.33 -4.91 56.27
C ASP A 411 33.77 -4.12 55.08
N ALA A 412 32.69 -3.38 55.33
CA ALA A 412 32.13 -2.51 54.30
C ALA A 412 32.75 -1.12 54.40
N LEU A 413 32.80 -0.60 55.62
CA LEU A 413 33.25 0.76 55.89
C LEU A 413 34.68 1.03 55.45
N ILE A 414 35.59 0.12 55.78
CA ILE A 414 37.01 0.38 55.55
C ILE A 414 37.36 0.51 54.05
N PRO A 415 36.91 -0.44 53.20
CA PRO A 415 37.19 -0.20 51.78
C PRO A 415 36.48 1.03 51.21
N MET A 416 35.31 1.38 51.76
CA MET A 416 34.58 2.55 51.29
C MET A 416 35.36 3.85 51.51
N THR A 417 36.31 3.83 52.43
CA THR A 417 37.15 5.00 52.69
C THR A 417 38.22 5.21 51.63
N PHE A 418 38.20 4.37 50.60
CA PHE A 418 39.13 4.52 49.47
C PHE A 418 38.45 5.20 48.28
N SER A 419 37.14 5.34 48.35
CA SER A 419 36.35 5.88 47.23
C SER A 419 36.72 7.33 46.92
N GLN A 420 36.69 7.68 45.63
CA GLN A 420 36.95 9.04 45.21
C GLN A 420 35.70 9.90 45.39
N ASN A 421 34.56 9.23 45.58
CA ASN A 421 33.32 9.93 45.94
C ASN A 421 33.35 10.27 47.43
N GLN A 422 33.30 11.56 47.74
CA GLN A 422 33.47 12.01 49.12
C GLN A 422 32.26 11.76 50.01
N GLU A 423 31.12 11.45 49.41
CA GLU A 423 29.96 11.05 50.19
C GLU A 423 30.25 9.68 50.81
N VAL A 424 30.64 8.75 49.94
CA VAL A 424 31.04 7.41 50.35
C VAL A 424 32.14 7.45 51.41
N SER A 425 33.30 7.98 51.04
CA SER A 425 34.47 7.98 51.91
C SER A 425 34.28 8.82 53.17
N GLY A 426 33.67 9.99 53.01
CA GLY A 426 33.42 10.87 54.13
C GLY A 426 32.50 10.25 55.17
N ASN A 427 31.38 9.70 54.71
CA ASN A 427 30.44 9.08 55.64
C ASN A 427 30.98 7.78 56.24
N ALA A 428 31.73 7.02 55.45
CA ALA A 428 32.39 5.82 55.96
C ALA A 428 33.37 6.18 57.08
N ALA A 429 34.10 7.26 56.86
CA ALA A 429 35.04 7.77 57.85
C ALA A 429 34.31 8.20 59.12
N ALA A 430 33.19 8.90 58.96
CA ALA A 430 32.40 9.35 60.11
C ALA A 430 31.89 8.16 60.93
N ALA A 431 31.31 7.18 60.23
CA ALA A 431 30.79 5.98 60.87
C ALA A 431 31.87 5.24 61.65
N LEU A 432 33.00 4.99 60.98
CA LEU A 432 34.14 4.34 61.62
C LEU A 432 34.57 5.09 62.88
N ALA A 433 34.72 6.41 62.73
CA ALA A 433 35.11 7.29 63.82
C ALA A 433 34.19 7.13 65.02
N ASN A 434 32.88 7.16 64.78
CA ASN A 434 31.90 7.00 65.85
C ASN A 434 31.97 5.62 66.49
N LEU A 435 32.19 4.59 65.67
CA LEU A 435 32.26 3.23 66.17
C LEU A 435 33.46 3.04 67.09
N CYS A 436 34.52 3.81 66.86
CA CYS A 436 35.68 3.74 67.75
C CYS A 436 35.48 4.48 69.07
N SER A 437 34.31 5.10 69.27
CA SER A 437 34.11 6.01 70.39
C SER A 437 33.21 5.47 71.51
N ARG A 438 33.77 5.39 72.71
CA ARG A 438 33.05 5.08 73.94
C ARG A 438 32.24 3.79 73.88
N VAL A 439 32.84 2.75 73.29
CA VAL A 439 32.24 1.42 73.32
C VAL A 439 32.88 0.63 74.47
N ASN A 440 32.11 -0.29 75.05
CA ASN A 440 32.61 -1.06 76.18
C ASN A 440 33.54 -2.19 75.74
N ASN A 441 33.37 -2.65 74.51
CA ASN A 441 34.19 -3.73 73.96
C ASN A 441 34.85 -3.29 72.66
N TYR A 442 36.18 -3.41 72.61
CA TYR A 442 36.94 -2.96 71.44
C TYR A 442 37.49 -4.12 70.61
N THR A 443 36.88 -5.29 70.77
CA THR A 443 37.33 -6.50 70.09
C THR A 443 37.34 -6.37 68.56
N LYS A 444 36.20 -6.02 67.99
CA LYS A 444 36.05 -5.90 66.54
C LYS A 444 36.96 -4.81 65.97
N ILE A 445 37.22 -3.77 66.76
CA ILE A 445 38.14 -2.72 66.35
C ILE A 445 39.56 -3.26 66.24
N ILE A 446 39.97 -3.98 67.28
CA ILE A 446 41.30 -4.56 67.34
C ILE A 446 41.54 -5.57 66.22
N GLU A 447 40.54 -6.41 65.93
CA GLU A 447 40.71 -7.43 64.91
C GLU A 447 40.68 -6.86 63.48
N ALA A 448 40.20 -5.62 63.34
CA ALA A 448 40.13 -4.98 62.03
C ALA A 448 41.21 -3.93 61.88
N TRP A 449 42.26 -4.04 62.69
CA TRP A 449 43.32 -3.03 62.73
C TRP A 449 44.20 -3.03 61.48
N ASP A 450 44.44 -4.21 60.91
CA ASP A 450 45.32 -4.32 59.76
C ASP A 450 44.61 -4.84 58.51
N ARG A 451 43.41 -5.39 58.70
CA ARG A 451 42.68 -5.97 57.58
C ARG A 451 41.16 -5.84 57.78
N PRO A 452 40.40 -5.80 56.67
CA PRO A 452 40.87 -5.83 55.28
C PRO A 452 41.29 -4.45 54.78
N ASN A 453 41.80 -4.40 53.55
CA ASN A 453 42.20 -3.14 52.90
C ASN A 453 43.00 -2.22 53.80
N GLU A 454 44.03 -2.78 54.44
CA GLU A 454 44.94 -2.06 55.34
C GLU A 454 44.26 -1.57 56.63
N GLY A 455 43.01 -1.95 56.82
CA GLY A 455 42.30 -1.70 58.07
C GLY A 455 42.26 -0.29 58.63
N ILE A 456 41.92 -0.22 59.91
CA ILE A 456 41.79 1.04 60.62
C ILE A 456 43.10 1.81 60.67
N ARG A 457 44.21 1.08 60.82
CA ARG A 457 45.54 1.67 60.79
C ARG A 457 45.76 2.47 59.49
N GLY A 458 45.54 1.79 58.37
CA GLY A 458 45.65 2.41 57.07
C GLY A 458 44.73 3.60 56.91
N PHE A 459 43.48 3.44 57.36
CA PHE A 459 42.52 4.54 57.35
C PHE A 459 43.06 5.77 58.06
N LEU A 460 43.54 5.56 59.29
CA LEU A 460 44.09 6.63 60.11
C LEU A 460 45.24 7.33 59.42
N ILE A 461 46.20 6.56 58.90
CA ILE A 461 47.33 7.14 58.19
C ILE A 461 46.89 8.02 57.01
N ARG A 462 46.15 7.39 56.09
CA ARG A 462 45.68 8.07 54.89
C ARG A 462 44.93 9.35 55.20
N PHE A 463 44.01 9.29 56.15
CA PHE A 463 43.20 10.47 56.49
C PHE A 463 43.99 11.49 57.29
N LEU A 464 45.07 11.05 57.94
CA LEU A 464 45.97 11.98 58.61
C LEU A 464 46.77 12.77 57.60
N LYS A 465 47.00 12.19 56.42
CA LYS A 465 47.76 12.91 55.39
C LYS A 465 46.84 13.76 54.47
N SER A 466 45.54 13.61 54.62
CA SER A 466 44.56 14.31 53.77
C SER A 466 44.67 15.84 53.77
N ASP A 467 44.41 16.44 52.61
CA ASP A 467 44.39 17.90 52.45
C ASP A 467 43.10 18.50 52.98
N TYR A 468 42.04 17.70 52.98
CA TYR A 468 40.77 18.13 53.53
C TYR A 468 40.83 18.11 55.04
N ALA A 469 40.63 19.28 55.65
CA ALA A 469 40.76 19.43 57.10
C ALA A 469 39.69 18.65 57.86
N THR A 470 38.56 18.40 57.21
CA THR A 470 37.50 17.60 57.80
C THR A 470 37.98 16.17 58.03
N PHE A 471 38.58 15.59 57.00
CA PHE A 471 39.08 14.22 57.06
C PHE A 471 40.16 14.06 58.14
N GLU A 472 41.11 14.99 58.16
CA GLU A 472 42.18 15.01 59.15
C GLU A 472 41.60 15.11 60.55
N HIS A 473 40.65 16.03 60.71
CA HIS A 473 39.92 16.20 61.97
C HIS A 473 39.30 14.88 62.43
N ILE A 474 38.70 14.16 61.48
CA ILE A 474 38.10 12.86 61.78
C ILE A 474 39.15 11.86 62.27
N ALA A 475 40.28 11.80 61.58
CA ALA A 475 41.36 10.88 61.97
C ALA A 475 41.87 11.16 63.38
N LEU A 476 42.21 12.43 63.64
CA LEU A 476 42.71 12.85 64.94
C LEU A 476 41.71 12.55 66.05
N TRP A 477 40.46 12.93 65.82
CA TRP A 477 39.39 12.69 66.77
C TRP A 477 39.26 11.20 67.07
N THR A 478 39.40 10.38 66.03
CA THR A 478 39.31 8.93 66.18
C THR A 478 40.43 8.37 67.04
N ILE A 479 41.65 8.80 66.78
CA ILE A 479 42.79 8.36 67.59
C ILE A 479 42.60 8.76 69.04
N LEU A 480 42.12 9.99 69.26
CA LEU A 480 41.82 10.47 70.60
C LEU A 480 40.78 9.59 71.29
N GLN A 481 39.73 9.22 70.56
CA GLN A 481 38.70 8.36 71.12
C GLN A 481 39.27 6.99 71.46
N LEU A 482 40.22 6.52 70.66
CA LEU A 482 40.84 5.23 70.89
C LEU A 482 41.75 5.22 72.12
N LEU A 483 42.42 6.33 72.36
CA LEU A 483 43.34 6.40 73.51
C LEU A 483 42.59 6.73 74.80
N GLU A 484 41.60 7.60 74.67
CA GLU A 484 40.77 8.06 75.79
C GLU A 484 39.96 6.91 76.36
N SER A 485 39.40 6.10 75.47
CA SER A 485 38.72 4.90 75.88
C SER A 485 39.83 4.05 76.48
N HIS A 486 39.53 3.40 77.60
CA HIS A 486 40.56 2.68 78.33
C HIS A 486 40.61 1.23 77.89
N ASN A 487 41.60 0.93 77.03
CA ASN A 487 41.95 -0.43 76.62
C ASN A 487 43.46 -0.65 76.52
N ASP A 488 43.95 -1.78 77.03
CA ASP A 488 45.38 -2.12 77.01
C ASP A 488 46.05 -2.35 75.63
N LYS A 489 45.35 -3.07 74.76
CA LYS A 489 45.87 -3.49 73.46
C LYS A 489 45.68 -2.43 72.36
N VAL A 490 44.65 -1.59 72.49
CA VAL A 490 44.46 -0.53 71.49
C VAL A 490 45.56 0.52 71.69
N GLU A 491 45.92 0.75 72.95
CA GLU A 491 47.03 1.64 73.29
C GLU A 491 48.32 1.06 72.75
N ASP A 492 48.46 -0.25 72.83
CA ASP A 492 49.61 -0.94 72.25
C ASP A 492 49.65 -0.77 70.73
N LEU A 493 48.49 -0.81 70.11
CA LEU A 493 48.39 -0.74 68.66
C LEU A 493 48.67 0.67 68.13
N VAL A 494 48.37 1.68 68.95
CA VAL A 494 48.61 3.06 68.53
C VAL A 494 50.11 3.39 68.55
N LYS A 495 50.89 2.69 69.36
CA LYS A 495 52.33 2.94 69.39
C LYS A 495 52.99 2.38 68.10
N ASN A 496 52.85 3.13 67.02
CA ASN A 496 53.54 2.77 65.78
C ASN A 496 53.91 4.03 65.01
N ASP A 497 55.06 3.97 64.35
CA ASP A 497 55.69 5.14 63.75
C ASP A 497 54.80 5.88 62.76
N ASP A 498 54.18 5.13 61.85
CA ASP A 498 53.35 5.70 60.80
C ASP A 498 52.23 6.60 61.34
N ASP A 499 51.71 6.24 62.50
CA ASP A 499 50.64 7.02 63.13
C ASP A 499 51.18 8.29 63.78
N ILE A 500 52.17 8.14 64.65
CA ILE A 500 52.69 9.26 65.43
C ILE A 500 53.38 10.32 64.56
N ILE A 501 54.12 9.87 63.55
CA ILE A 501 54.90 10.77 62.72
C ILE A 501 54.05 11.78 61.95
N ASN A 502 52.91 11.32 61.42
CA ASN A 502 51.98 12.22 60.74
C ASN A 502 50.86 12.70 61.63
N GLY A 503 50.64 11.98 62.73
CA GLY A 503 49.58 12.33 63.67
C GLY A 503 49.83 13.65 64.37
N LEU B 64 33.61 17.19 72.08
CA LEU B 64 32.91 16.81 70.85
C LEU B 64 32.56 15.32 70.91
N LEU B 65 31.27 15.03 71.02
CA LEU B 65 30.79 13.67 71.30
C LEU B 65 30.64 12.80 70.06
N HIS B 66 30.27 13.39 68.93
CA HIS B 66 30.04 12.62 67.72
C HIS B 66 30.61 13.30 66.48
N ILE B 67 30.87 12.48 65.45
CA ILE B 67 31.27 12.98 64.15
C ILE B 67 30.12 12.83 63.17
N GLN B 68 29.77 13.91 62.48
CA GLN B 68 28.69 13.88 61.50
C GLN B 68 28.97 14.84 60.35
N VAL B 69 29.01 14.32 59.13
CA VAL B 69 29.28 15.15 57.96
C VAL B 69 28.08 15.25 57.01
N SER B 70 27.09 14.38 57.20
CA SER B 70 25.86 14.45 56.42
C SER B 70 24.69 14.82 57.34
N PRO B 71 23.66 15.46 56.79
CA PRO B 71 22.47 15.77 57.61
C PRO B 71 21.81 14.49 58.12
N THR B 72 21.17 14.58 59.28
CA THR B 72 20.51 13.43 59.90
C THR B 72 19.47 12.82 58.96
N LYS B 73 18.66 13.68 58.35
CA LYS B 73 17.67 13.24 57.38
C LYS B 73 18.17 13.49 55.97
N SER B 74 17.71 12.69 55.01
CA SER B 74 18.01 12.98 53.62
C SER B 74 17.09 14.09 53.14
N SER B 75 17.50 14.77 52.08
CA SER B 75 16.70 15.87 51.54
C SER B 75 15.50 15.32 50.79
N ASN B 76 14.47 16.15 50.61
CA ASN B 76 13.32 15.72 49.85
C ASN B 76 13.65 15.73 48.36
N LEU B 77 13.05 14.83 47.62
CA LEU B 77 13.19 14.83 46.18
C LEU B 77 12.47 16.03 45.61
N ASP B 78 12.94 16.53 44.48
CA ASP B 78 12.23 17.59 43.79
C ASP B 78 11.00 17.02 43.11
N ALA B 79 9.90 17.76 43.20
CA ALA B 79 8.69 17.39 42.50
C ALA B 79 8.98 17.28 41.01
N GLN B 80 8.32 16.36 40.33
CA GLN B 80 8.56 16.20 38.90
C GLN B 80 7.28 16.35 38.09
N VAL B 81 7.46 16.77 36.85
CA VAL B 81 6.35 17.05 35.96
C VAL B 81 6.02 15.85 35.09
N ASN B 82 4.73 15.60 34.88
CA ASN B 82 4.31 14.68 33.85
C ASN B 82 4.05 15.47 32.58
N THR B 83 4.84 15.20 31.55
CA THR B 83 4.75 15.95 30.31
C THR B 83 3.87 15.27 29.27
N GLU B 84 3.23 14.17 29.66
CA GLU B 84 2.32 13.47 28.75
C GLU B 84 1.20 14.41 28.31
N GLN B 85 0.92 14.42 27.01
CA GLN B 85 -0.03 15.36 26.44
C GLN B 85 -1.39 14.71 26.18
N ALA B 86 -2.45 15.46 26.46
CA ALA B 86 -3.80 14.99 26.19
C ALA B 86 -4.23 15.41 24.80
N TYR B 87 -5.02 14.56 24.15
CA TYR B 87 -5.58 14.90 22.84
C TYR B 87 -7.10 14.86 22.91
N SER B 88 -7.74 15.54 21.98
CA SER B 88 -9.19 15.66 21.96
C SER B 88 -9.89 14.31 21.77
N GLN B 89 -11.14 14.26 22.19
CA GLN B 89 -12.02 13.16 21.88
C GLN B 89 -12.33 13.20 20.38
N PRO B 90 -12.88 12.09 19.83
CA PRO B 90 -13.34 12.13 18.45
C PRO B 90 -14.31 13.29 18.20
N PHE B 91 -14.13 14.00 17.10
CA PHE B 91 -15.01 15.12 16.75
C PHE B 91 -16.24 14.66 15.98
N ARG B 92 -17.43 14.95 16.51
CA ARG B 92 -18.67 14.62 15.83
C ARG B 92 -19.15 15.80 15.01
N TYR B 93 -19.98 15.52 14.00
CA TYR B 93 -20.50 16.57 13.13
C TYR B 93 -21.77 16.12 12.42
N PRO C 10 6.88 -19.06 16.94
CA PRO C 10 6.26 -17.75 16.70
C PRO C 10 5.99 -17.51 15.23
N ILE C 11 5.36 -18.51 14.60
CA ILE C 11 4.88 -18.40 13.23
C ILE C 11 3.92 -17.21 13.11
N ALA C 12 3.26 -16.89 14.21
CA ALA C 12 2.25 -15.84 14.28
C ALA C 12 2.70 -14.49 13.71
N ASP C 13 3.93 -14.07 14.00
CA ASP C 13 4.38 -12.75 13.57
C ASP C 13 4.63 -12.68 12.06
N ASN C 14 4.64 -13.83 11.40
CA ASN C 14 4.48 -13.81 9.96
C ASN C 14 3.12 -13.20 9.66
N GLU C 15 2.09 -13.92 10.09
CA GLU C 15 0.71 -13.53 9.91
C GLU C 15 0.45 -12.11 10.40
N ARG C 16 1.07 -11.76 11.53
CA ARG C 16 0.92 -10.43 12.13
C ARG C 16 1.20 -9.29 11.15
N GLU C 17 2.09 -9.53 10.20
CA GLU C 17 2.41 -8.46 9.25
C GLU C 17 1.80 -8.73 7.88
N ALA C 18 1.27 -9.94 7.70
CA ALA C 18 0.57 -10.26 6.46
C ALA C 18 -0.79 -9.58 6.46
N VAL C 19 -1.34 -9.36 7.65
CA VAL C 19 -2.64 -8.72 7.80
C VAL C 19 -2.53 -7.20 7.64
N THR C 20 -1.64 -6.57 8.40
CA THR C 20 -1.43 -5.13 8.34
C THR C 20 -1.19 -4.69 6.90
N LEU C 21 -0.27 -5.40 6.24
CA LEU C 21 0.01 -5.23 4.82
C LEU C 21 -1.28 -5.13 4.02
N LEU C 22 -2.15 -6.14 4.15
CA LEU C 22 -3.35 -6.19 3.35
C LEU C 22 -4.40 -5.20 3.84
N LEU C 23 -4.23 -4.72 5.07
CA LEU C 23 -5.11 -3.66 5.58
C LEU C 23 -4.76 -2.36 4.86
N GLY C 24 -3.57 -2.32 4.28
CA GLY C 24 -3.20 -1.21 3.43
C GLY C 24 -3.87 -1.37 2.08
N TYR C 25 -3.61 -2.51 1.44
CA TYR C 25 -4.12 -2.76 0.08
C TYR C 25 -5.58 -3.19 0.12
N GLN C 31 -9.33 5.38 0.59
CA GLN C 31 -8.95 6.60 1.32
C GLN C 31 -9.07 7.83 0.43
N LEU C 32 -8.97 7.63 -0.88
CA LEU C 32 -9.07 8.72 -1.84
C LEU C 32 -10.40 8.71 -2.56
N ASP C 33 -11.42 8.15 -1.90
CA ASP C 33 -12.77 8.08 -2.49
C ASP C 33 -13.75 9.20 -2.06
N PHE C 34 -14.25 9.93 -3.06
CA PHE C 34 -15.11 11.09 -2.84
C PHE C 34 -16.33 11.06 -3.76
N TYR C 35 -16.82 9.87 -4.06
CA TYR C 35 -18.00 9.73 -4.90
C TYR C 35 -19.26 9.51 -4.05
N SER C 36 -19.20 9.91 -2.78
CA SER C 36 -20.33 9.75 -1.87
C SER C 36 -20.26 10.72 -0.69
N GLY C 37 -21.35 10.80 0.06
CA GLY C 37 -21.41 11.61 1.26
C GLY C 37 -21.16 13.09 1.06
N GLY C 38 -20.51 13.70 2.07
CA GLY C 38 -20.22 15.12 2.09
C GLY C 38 -19.69 15.76 0.82
N PRO C 39 -18.51 15.31 0.34
CA PRO C 39 -17.89 15.84 -0.89
C PRO C 39 -18.84 15.86 -2.09
N LEU C 40 -19.44 14.71 -2.37
CA LEU C 40 -20.39 14.57 -3.46
C LEU C 40 -21.58 15.52 -3.28
N LYS C 41 -22.10 15.60 -2.06
CA LYS C 41 -23.22 16.48 -1.77
C LYS C 41 -22.86 17.94 -2.00
N ALA C 42 -21.60 18.28 -1.73
CA ALA C 42 -21.11 19.64 -1.92
C ALA C 42 -21.05 20.00 -3.40
N LEU C 43 -20.47 19.10 -4.20
CA LEU C 43 -20.38 19.34 -5.64
C LEU C 43 -21.77 19.36 -6.27
N THR C 44 -22.65 18.49 -5.79
CA THR C 44 -24.03 18.42 -6.26
C THR C 44 -24.78 19.71 -5.93
N THR C 45 -24.50 20.23 -4.74
CA THR C 45 -25.08 21.49 -4.29
C THR C 45 -24.61 22.64 -5.19
N LEU C 46 -23.34 22.59 -5.57
CA LEU C 46 -22.81 23.56 -6.52
C LEU C 46 -23.52 23.48 -7.87
N VAL C 47 -23.75 22.24 -8.32
CA VAL C 47 -24.38 22.02 -9.62
C VAL C 47 -25.82 22.55 -9.66
N TYR C 48 -26.62 22.16 -8.66
CA TYR C 48 -28.04 22.52 -8.67
C TYR C 48 -28.30 23.95 -8.18
N SER C 49 -27.24 24.71 -7.95
CA SER C 49 -27.37 26.11 -7.59
C SER C 49 -27.78 26.92 -8.82
N ASP C 50 -27.50 26.37 -10.00
CA ASP C 50 -27.78 27.01 -11.27
C ASP C 50 -27.11 28.38 -11.39
N ASN C 51 -26.09 28.61 -10.56
CA ASN C 51 -25.23 29.79 -10.69
C ASN C 51 -23.99 29.40 -11.49
N LEU C 52 -23.64 30.23 -12.47
CA LEU C 52 -22.61 29.88 -13.45
C LEU C 52 -21.24 29.61 -12.82
N ASN C 53 -20.79 30.49 -11.93
CA ASN C 53 -19.47 30.36 -11.32
C ASN C 53 -19.35 29.12 -10.45
N LEU C 54 -20.36 28.91 -9.61
CA LEU C 54 -20.43 27.75 -8.73
C LEU C 54 -20.40 26.46 -9.55
N GLN C 55 -21.16 26.44 -10.65
CA GLN C 55 -21.21 25.30 -11.54
C GLN C 55 -19.86 25.05 -12.21
N ARG C 56 -19.18 26.13 -12.58
CA ARG C 56 -17.81 26.02 -13.09
C ARG C 56 -16.94 25.28 -12.07
N SER C 57 -16.98 25.75 -10.83
CA SER C 57 -16.23 25.12 -9.74
C SER C 57 -16.52 23.62 -9.64
N ALA C 58 -17.79 23.26 -9.66
CA ALA C 58 -18.19 21.85 -9.59
C ALA C 58 -17.62 21.05 -10.76
N ALA C 59 -17.71 21.60 -11.96
CA ALA C 59 -17.22 20.93 -13.16
C ALA C 59 -15.72 20.67 -13.08
N LEU C 60 -14.96 21.68 -12.67
CA LEU C 60 -13.51 21.54 -12.51
C LEU C 60 -13.19 20.45 -11.47
N ALA C 61 -13.92 20.47 -10.36
CA ALA C 61 -13.74 19.46 -9.32
C ALA C 61 -13.98 18.05 -9.86
N PHE C 62 -15.09 17.86 -10.56
CA PHE C 62 -15.42 16.56 -11.15
C PHE C 62 -14.33 16.09 -12.09
N ALA C 63 -13.90 16.97 -12.99
CA ALA C 63 -12.86 16.62 -13.96
C ALA C 63 -11.58 16.16 -13.27
N GLU C 64 -11.14 16.90 -12.26
CA GLU C 64 -9.92 16.54 -11.53
C GLU C 64 -10.07 15.19 -10.83
N ILE C 65 -11.18 15.03 -10.12
CA ILE C 65 -11.46 13.82 -9.36
C ILE C 65 -11.47 12.59 -10.26
N THR C 66 -12.24 12.65 -11.35
CA THR C 66 -12.32 11.54 -12.28
C THR C 66 -10.97 11.30 -12.95
N GLU C 67 -10.18 12.36 -13.11
CA GLU C 67 -8.85 12.21 -13.70
C GLU C 67 -7.95 11.36 -12.82
N LYS C 68 -8.01 11.58 -11.52
CA LYS C 68 -7.08 10.86 -10.64
C LYS C 68 -7.55 9.46 -10.19
N TYR C 69 -8.86 9.22 -10.14
CA TYR C 69 -9.36 7.92 -9.72
C TYR C 69 -10.78 7.64 -10.23
N VAL C 70 -10.98 6.43 -10.74
CA VAL C 70 -12.25 6.05 -11.35
C VAL C 70 -12.71 4.68 -10.87
N ARG C 71 -13.99 4.60 -10.50
CA ARG C 71 -14.61 3.34 -10.16
C ARG C 71 -16.04 3.32 -10.65
N GLN C 72 -16.74 2.21 -10.45
CA GLN C 72 -18.16 2.14 -10.74
C GLN C 72 -18.90 3.11 -9.82
N VAL C 73 -19.65 4.02 -10.42
CA VAL C 73 -20.38 5.02 -9.65
C VAL C 73 -21.89 4.87 -9.86
N SER C 74 -22.66 5.48 -8.96
CA SER C 74 -24.11 5.34 -9.00
C SER C 74 -24.77 6.46 -9.80
N ARG C 75 -26.10 6.48 -9.74
CA ARG C 75 -26.91 7.45 -10.46
C ARG C 75 -26.65 8.88 -9.97
N GLU C 76 -26.40 9.03 -8.67
CA GLU C 76 -26.26 10.34 -8.06
C GLU C 76 -24.92 10.99 -8.37
N VAL C 77 -23.97 10.22 -8.89
CA VAL C 77 -22.72 10.79 -9.38
C VAL C 77 -22.91 11.31 -10.80
N LEU C 78 -23.55 10.49 -11.63
CA LEU C 78 -23.66 10.78 -13.06
C LEU C 78 -24.70 11.86 -13.41
N GLU C 79 -25.78 11.97 -12.63
CA GLU C 79 -26.82 12.94 -12.98
C GLU C 79 -26.38 14.42 -12.86
N PRO C 80 -25.65 14.80 -11.80
CA PRO C 80 -25.17 16.19 -11.80
C PRO C 80 -24.22 16.50 -12.97
N ILE C 81 -23.43 15.53 -13.39
CA ILE C 81 -22.52 15.72 -14.52
C ILE C 81 -23.31 15.84 -15.83
N LEU C 82 -24.28 14.95 -16.00
CA LEU C 82 -25.17 15.01 -17.15
C LEU C 82 -25.91 16.34 -17.23
N ILE C 83 -26.25 16.88 -16.07
CA ILE C 83 -26.91 18.17 -15.98
C ILE C 83 -25.93 19.28 -16.36
N LEU C 84 -24.69 19.17 -15.90
CA LEU C 84 -23.65 20.12 -16.30
C LEU C 84 -23.45 20.13 -17.81
N LEU C 85 -23.70 18.99 -18.45
CA LEU C 85 -23.53 18.90 -19.90
C LEU C 85 -24.60 19.64 -20.71
N GLN C 86 -25.58 20.22 -20.03
CA GLN C 86 -26.60 21.03 -20.70
C GLN C 86 -26.21 22.50 -20.72
N SER C 87 -25.01 22.81 -20.24
CA SER C 87 -24.59 24.19 -20.10
C SER C 87 -24.10 24.80 -21.41
N GLN C 88 -24.21 26.11 -21.52
CA GLN C 88 -23.73 26.85 -22.68
C GLN C 88 -22.31 27.34 -22.43
N ASP C 89 -21.85 27.23 -21.19
CA ASP C 89 -20.53 27.74 -20.79
C ASP C 89 -19.40 26.76 -21.12
N PRO C 90 -18.45 27.21 -21.94
CA PRO C 90 -17.33 26.39 -22.43
C PRO C 90 -16.51 25.70 -21.33
N GLN C 91 -16.22 26.41 -20.24
CA GLN C 91 -15.48 25.82 -19.14
C GLN C 91 -16.22 24.63 -18.55
N ILE C 92 -17.49 24.85 -18.22
CA ILE C 92 -18.36 23.80 -17.71
C ILE C 92 -18.43 22.62 -18.67
N GLN C 93 -18.64 22.92 -19.95
CA GLN C 93 -18.76 21.89 -20.98
C GLN C 93 -17.52 21.02 -21.06
N VAL C 94 -16.35 21.64 -21.19
CA VAL C 94 -15.12 20.87 -21.39
C VAL C 94 -14.78 20.08 -20.12
N ALA C 95 -15.05 20.66 -18.95
CA ALA C 95 -14.74 19.98 -17.70
C ALA C 95 -15.66 18.78 -17.47
N ALA C 96 -16.95 18.99 -17.71
CA ALA C 96 -17.94 17.93 -17.52
C ALA C 96 -17.74 16.80 -18.52
N CYS C 97 -17.43 17.15 -19.76
CA CYS C 97 -17.10 16.15 -20.77
C CYS C 97 -15.86 15.36 -20.36
N ALA C 98 -14.87 16.05 -19.79
CA ALA C 98 -13.67 15.36 -19.31
C ALA C 98 -14.01 14.38 -18.20
N ALA C 99 -14.87 14.80 -17.28
CA ALA C 99 -15.28 13.96 -16.17
C ALA C 99 -16.02 12.70 -16.65
N LEU C 100 -16.99 12.91 -17.54
CA LEU C 100 -17.78 11.78 -18.04
C LEU C 100 -16.93 10.83 -18.88
N GLY C 101 -16.01 11.41 -19.65
CA GLY C 101 -15.09 10.63 -20.45
C GLY C 101 -14.20 9.77 -19.59
N ASN C 102 -13.71 10.35 -18.50
CA ASN C 102 -12.89 9.61 -17.56
C ASN C 102 -13.67 8.49 -16.89
N LEU C 103 -14.92 8.77 -16.51
CA LEU C 103 -15.76 7.75 -15.89
C LEU C 103 -16.12 6.63 -16.87
N ALA C 104 -16.12 6.96 -18.16
CA ALA C 104 -16.48 6.00 -19.20
C ALA C 104 -15.35 5.00 -19.48
N VAL C 105 -14.32 5.00 -18.66
CA VAL C 105 -13.24 4.03 -18.76
C VAL C 105 -13.63 2.76 -17.99
N ASN C 106 -14.51 2.93 -17.01
CA ASN C 106 -15.08 1.80 -16.28
C ASN C 106 -16.24 1.19 -17.05
N ASN C 107 -16.30 -0.14 -17.09
CA ASN C 107 -17.24 -0.84 -17.95
C ASN C 107 -18.71 -0.74 -17.53
N GLU C 108 -18.98 -0.71 -16.24
CA GLU C 108 -20.35 -0.56 -15.75
C GLU C 108 -20.85 0.86 -16.00
N ASN C 109 -19.92 1.82 -15.85
CA ASN C 109 -20.22 3.22 -16.09
C ASN C 109 -20.65 3.50 -17.52
N LYS C 110 -20.01 2.85 -18.49
CA LYS C 110 -20.36 3.03 -19.90
C LYS C 110 -21.86 2.75 -20.10
N LEU C 111 -22.27 1.58 -19.63
CA LEU C 111 -23.64 1.12 -19.70
C LEU C 111 -24.60 2.08 -18.99
N LEU C 112 -24.29 2.42 -17.75
CA LEU C 112 -25.16 3.31 -16.98
C LEU C 112 -25.30 4.69 -17.63
N ILE C 113 -24.19 5.20 -18.16
CA ILE C 113 -24.17 6.50 -18.82
C ILE C 113 -25.03 6.49 -20.08
N VAL C 114 -24.97 5.41 -20.85
CA VAL C 114 -25.81 5.34 -22.05
C VAL C 114 -27.29 5.16 -21.69
N GLU C 115 -27.57 4.39 -20.63
CA GLU C 115 -28.95 4.18 -20.19
C GLU C 115 -29.64 5.45 -19.70
N MET C 116 -28.85 6.41 -19.23
CA MET C 116 -29.38 7.66 -18.70
C MET C 116 -29.62 8.72 -19.77
N GLY C 117 -29.25 8.40 -21.00
CA GLY C 117 -29.44 9.31 -22.11
C GLY C 117 -28.30 10.32 -22.27
N GLY C 118 -27.08 9.91 -21.99
CA GLY C 118 -25.93 10.80 -22.10
C GLY C 118 -25.53 11.09 -23.54
N LEU C 119 -25.92 10.19 -24.43
CA LEU C 119 -25.54 10.30 -25.84
C LEU C 119 -26.10 11.54 -26.50
N GLU C 120 -27.33 11.94 -26.16
CA GLU C 120 -27.93 13.13 -26.74
C GLU C 120 -27.13 14.41 -26.39
N PRO C 121 -26.86 14.65 -25.08
CA PRO C 121 -25.99 15.79 -24.77
C PRO C 121 -24.61 15.68 -25.40
N LEU C 122 -24.03 14.48 -25.44
CA LEU C 122 -22.70 14.31 -26.04
C LEU C 122 -22.68 14.67 -27.53
N ILE C 123 -23.73 14.26 -28.24
CA ILE C 123 -23.88 14.56 -29.66
C ILE C 123 -24.00 16.07 -29.87
N ASN C 124 -24.89 16.68 -29.07
CA ASN C 124 -25.04 18.13 -29.09
C ASN C 124 -23.72 18.86 -28.89
N GLN C 125 -22.94 18.43 -27.90
CA GLN C 125 -21.64 19.06 -27.64
C GLN C 125 -20.64 18.80 -28.77
N MET C 126 -20.74 17.63 -29.40
CA MET C 126 -19.90 17.33 -30.55
C MET C 126 -20.14 18.34 -31.67
N MET C 127 -21.39 18.72 -31.86
CA MET C 127 -21.71 19.58 -33.00
C MET C 127 -21.50 21.09 -32.78
N GLY C 128 -20.88 21.46 -31.66
CA GLY C 128 -20.55 22.85 -31.40
C GLY C 128 -19.20 23.25 -31.97
N ASP C 129 -18.91 24.55 -32.03
CA ASP C 129 -17.65 25.03 -32.58
C ASP C 129 -16.65 25.35 -31.48
N ASN C 130 -16.35 24.33 -30.68
CA ASN C 130 -15.34 24.40 -29.62
C ASN C 130 -14.51 23.12 -29.69
N VAL C 131 -13.28 23.24 -30.19
CA VAL C 131 -12.50 22.05 -30.53
C VAL C 131 -12.09 21.20 -29.33
N GLU C 132 -11.98 21.82 -28.15
CA GLU C 132 -11.62 21.07 -26.96
C GLU C 132 -12.84 20.29 -26.46
N VAL C 133 -13.99 20.93 -26.51
CA VAL C 133 -15.25 20.27 -26.19
C VAL C 133 -15.53 19.17 -27.20
N GLN C 134 -15.30 19.47 -28.48
CA GLN C 134 -15.41 18.46 -29.53
C GLN C 134 -14.56 17.24 -29.17
N CYS C 135 -13.29 17.51 -28.88
CA CYS C 135 -12.34 16.47 -28.52
C CYS C 135 -12.84 15.61 -27.36
N ASN C 136 -13.26 16.25 -26.28
CA ASN C 136 -13.67 15.53 -25.07
C ASN C 136 -14.97 14.75 -25.24
N ALA C 137 -15.93 15.32 -25.96
CA ALA C 137 -17.22 14.66 -26.19
C ALA C 137 -17.03 13.44 -27.09
N VAL C 138 -16.31 13.64 -28.19
CA VAL C 138 -15.99 12.54 -29.08
C VAL C 138 -15.25 11.44 -28.34
N GLY C 139 -14.24 11.82 -27.55
CA GLY C 139 -13.47 10.85 -26.79
C GLY C 139 -14.33 10.07 -25.81
N CYS C 140 -15.26 10.77 -25.16
CA CYS C 140 -16.21 10.12 -24.27
C CYS C 140 -17.00 9.06 -25.02
N ILE C 141 -17.44 9.41 -26.23
CA ILE C 141 -18.17 8.45 -27.06
C ILE C 141 -17.27 7.27 -27.47
N THR C 142 -16.00 7.54 -27.74
CA THR C 142 -15.02 6.50 -28.03
C THR C 142 -14.98 5.49 -26.90
N ASN C 143 -14.86 5.99 -25.67
CA ASN C 143 -14.82 5.10 -24.51
C ASN C 143 -16.13 4.35 -24.30
N LEU C 144 -17.25 5.04 -24.49
CA LEU C 144 -18.57 4.40 -24.38
C LEU C 144 -18.70 3.24 -25.37
N ALA C 145 -18.10 3.39 -26.55
CA ALA C 145 -18.26 2.40 -27.61
C ALA C 145 -17.33 1.20 -27.48
N THR C 146 -16.62 1.08 -26.36
CA THR C 146 -15.78 -0.10 -26.14
C THR C 146 -16.57 -1.18 -25.39
N ARG C 147 -17.86 -0.93 -25.21
CA ARG C 147 -18.76 -1.93 -24.63
C ARG C 147 -19.75 -2.37 -25.70
N ASP C 148 -19.84 -3.69 -25.90
CA ASP C 148 -20.65 -4.26 -26.96
C ASP C 148 -22.11 -3.86 -26.89
N ASP C 149 -22.65 -3.79 -25.67
CA ASP C 149 -24.03 -3.37 -25.45
C ASP C 149 -24.31 -1.99 -26.03
N ASN C 150 -23.31 -1.11 -25.97
CA ASN C 150 -23.47 0.28 -26.37
C ASN C 150 -23.30 0.53 -27.86
N LYS C 151 -22.51 -0.32 -28.52
CA LYS C 151 -22.09 -0.08 -29.90
C LYS C 151 -23.24 0.18 -30.87
N HIS C 152 -24.24 -0.69 -30.86
CA HIS C 152 -25.37 -0.54 -31.79
C HIS C 152 -26.23 0.68 -31.45
N LYS C 153 -26.31 1.01 -30.17
CA LYS C 153 -27.11 2.17 -29.75
C LYS C 153 -26.44 3.46 -30.18
N ILE C 154 -25.11 3.51 -30.04
CA ILE C 154 -24.34 4.66 -30.48
C ILE C 154 -24.39 4.78 -32.00
N ALA C 155 -24.32 3.64 -32.68
CA ALA C 155 -24.32 3.62 -34.14
C ALA C 155 -25.63 4.13 -34.73
N THR C 156 -26.73 3.95 -33.99
CA THR C 156 -28.04 4.36 -34.47
C THR C 156 -28.56 5.64 -33.80
N SER C 157 -27.70 6.28 -33.00
CA SER C 157 -28.12 7.44 -32.23
C SER C 157 -28.01 8.74 -33.02
N GLY C 158 -27.26 8.70 -34.12
CA GLY C 158 -27.06 9.89 -34.95
C GLY C 158 -25.67 10.45 -34.83
N ALA C 159 -24.86 9.86 -33.95
CA ALA C 159 -23.51 10.35 -33.69
C ALA C 159 -22.56 10.11 -34.86
N LEU C 160 -22.93 9.19 -35.76
CA LEU C 160 -22.05 8.81 -36.86
C LEU C 160 -21.75 9.95 -37.83
N ILE C 161 -22.74 10.78 -38.12
CA ILE C 161 -22.53 11.91 -39.02
C ILE C 161 -21.50 12.91 -38.44
N PRO C 162 -21.69 13.37 -37.19
CA PRO C 162 -20.65 14.25 -36.64
C PRO C 162 -19.31 13.54 -36.43
N LEU C 163 -19.31 12.27 -36.08
CA LEU C 163 -18.05 11.55 -35.90
C LEU C 163 -17.26 11.49 -37.21
N THR C 164 -17.99 11.21 -38.30
CA THR C 164 -17.41 11.19 -39.63
C THR C 164 -16.85 12.56 -39.99
N LYS C 165 -17.61 13.61 -39.71
CA LYS C 165 -17.16 14.97 -40.00
C LYS C 165 -15.91 15.35 -39.20
N LEU C 166 -15.89 14.98 -37.92
CA LEU C 166 -14.83 15.34 -37.02
C LEU C 166 -13.58 14.50 -37.20
N ALA C 167 -13.72 13.38 -37.91
CA ALA C 167 -12.55 12.57 -38.27
C ALA C 167 -11.64 13.33 -39.22
N LYS C 168 -12.15 14.38 -39.84
CA LYS C 168 -11.37 15.20 -40.76
C LYS C 168 -10.78 16.45 -40.09
N SER C 169 -10.88 16.50 -38.76
CA SER C 169 -10.40 17.66 -38.00
C SER C 169 -8.90 17.86 -38.16
N LYS C 170 -8.47 19.12 -38.21
CA LYS C 170 -7.06 19.44 -38.34
C LYS C 170 -6.34 19.23 -37.01
N HIS C 171 -7.11 19.00 -35.95
CA HIS C 171 -6.54 18.73 -34.64
C HIS C 171 -6.44 17.23 -34.43
N ILE C 172 -5.21 16.77 -34.19
CA ILE C 172 -4.88 15.35 -34.22
C ILE C 172 -5.55 14.56 -33.08
N ARG C 173 -5.74 15.20 -31.93
CA ARG C 173 -6.44 14.55 -30.83
C ARG C 173 -7.91 14.27 -31.15
N VAL C 174 -8.58 15.26 -31.72
CA VAL C 174 -9.95 15.11 -32.20
C VAL C 174 -10.02 13.98 -33.24
N GLN C 175 -9.06 13.99 -34.16
CA GLN C 175 -8.98 12.94 -35.19
C GLN C 175 -8.83 11.56 -34.59
N ARG C 176 -7.95 11.43 -33.61
CA ARG C 176 -7.71 10.15 -32.96
C ARG C 176 -8.96 9.63 -32.27
N ASN C 177 -9.61 10.51 -31.51
CA ASN C 177 -10.84 10.10 -30.84
C ASN C 177 -11.94 9.70 -31.84
N ALA C 178 -12.13 10.52 -32.87
CA ALA C 178 -13.18 10.28 -33.87
C ALA C 178 -12.98 8.98 -34.66
N THR C 179 -11.79 8.83 -35.23
CA THR C 179 -11.45 7.63 -35.98
C THR C 179 -11.44 6.41 -35.06
N GLY C 180 -11.09 6.62 -33.80
CA GLY C 180 -11.14 5.55 -32.81
C GLY C 180 -12.56 5.07 -32.57
N ALA C 181 -13.51 6.00 -32.43
CA ALA C 181 -14.92 5.65 -32.26
C ALA C 181 -15.43 4.88 -33.48
N LEU C 182 -15.14 5.43 -34.66
CA LEU C 182 -15.48 4.76 -35.91
C LEU C 182 -14.97 3.33 -35.93
N LEU C 183 -13.70 3.15 -35.55
CA LEU C 183 -13.11 1.81 -35.43
C LEU C 183 -13.90 0.93 -34.47
N ASN C 184 -14.28 1.51 -33.33
CA ASN C 184 -15.03 0.77 -32.31
C ASN C 184 -16.41 0.38 -32.80
N MET C 185 -16.84 0.92 -33.93
CA MET C 185 -18.12 0.45 -34.47
C MET C 185 -18.00 -0.31 -35.80
N THR C 186 -16.89 -1.04 -35.97
CA THR C 186 -16.73 -1.94 -37.12
C THR C 186 -16.71 -3.40 -36.69
N HIS C 187 -17.18 -3.67 -35.48
CA HIS C 187 -17.05 -5.01 -34.89
C HIS C 187 -18.28 -5.89 -35.13
N SER C 188 -19.35 -5.32 -35.65
CA SER C 188 -20.51 -6.10 -36.06
C SER C 188 -20.95 -5.68 -37.45
N GLU C 189 -21.60 -6.59 -38.17
CA GLU C 189 -22.08 -6.33 -39.52
C GLU C 189 -23.01 -5.13 -39.60
N GLU C 190 -23.98 -5.07 -38.69
CA GLU C 190 -24.97 -4.00 -38.66
C GLU C 190 -24.33 -2.63 -38.48
N ASN C 191 -23.43 -2.53 -37.52
CA ASN C 191 -22.75 -1.27 -37.24
C ASN C 191 -21.88 -0.83 -38.41
N ARG C 192 -21.24 -1.79 -39.07
CA ARG C 192 -20.45 -1.48 -40.26
C ARG C 192 -21.35 -0.94 -41.37
N LYS C 193 -22.53 -1.53 -41.50
CA LYS C 193 -23.53 -1.03 -42.45
C LYS C 193 -23.92 0.41 -42.12
N GLU C 194 -24.08 0.69 -40.83
CA GLU C 194 -24.38 2.05 -40.36
C GLU C 194 -23.25 3.01 -40.74
N LEU C 195 -22.00 2.57 -40.57
CA LEU C 195 -20.83 3.38 -40.90
C LEU C 195 -20.79 3.72 -42.38
N VAL C 196 -20.97 2.71 -43.22
CA VAL C 196 -20.97 2.90 -44.67
C VAL C 196 -22.11 3.83 -45.09
N ASN C 197 -23.26 3.68 -44.45
CA ASN C 197 -24.41 4.54 -44.78
C ASN C 197 -24.22 5.99 -44.31
N ALA C 198 -23.38 6.20 -43.31
CA ALA C 198 -23.13 7.53 -42.80
C ALA C 198 -22.04 8.24 -43.60
N GLY C 199 -21.44 7.53 -44.55
CA GLY C 199 -20.46 8.11 -45.45
C GLY C 199 -19.04 8.14 -44.90
N ALA C 200 -18.73 7.23 -43.99
CA ALA C 200 -17.43 7.22 -43.32
C ALA C 200 -16.28 6.73 -44.21
N VAL C 201 -16.61 5.91 -45.20
CA VAL C 201 -15.59 5.24 -46.02
C VAL C 201 -14.66 6.18 -46.80
N PRO C 202 -15.20 7.18 -47.53
CA PRO C 202 -14.27 8.07 -48.23
C PRO C 202 -13.32 8.79 -47.26
N VAL C 203 -13.83 9.12 -46.09
CA VAL C 203 -13.05 9.78 -45.04
C VAL C 203 -11.92 8.86 -44.57
N LEU C 204 -12.26 7.61 -44.24
CA LEU C 204 -11.28 6.63 -43.79
C LEU C 204 -10.19 6.40 -44.83
N VAL C 205 -10.61 6.16 -46.06
CA VAL C 205 -9.70 5.97 -47.19
C VAL C 205 -8.75 7.17 -47.33
N SER C 206 -9.31 8.38 -47.22
CA SER C 206 -8.50 9.58 -47.31
C SER C 206 -7.49 9.65 -46.17
N LEU C 207 -7.89 9.19 -44.99
CA LEU C 207 -7.04 9.24 -43.82
C LEU C 207 -6.05 8.09 -43.76
N LEU C 208 -6.10 7.20 -44.75
CA LEU C 208 -5.03 6.20 -44.91
C LEU C 208 -3.66 6.86 -45.13
N SER C 209 -3.65 8.11 -45.59
CA SER C 209 -2.41 8.81 -45.89
C SER C 209 -1.90 9.64 -44.70
N SER C 210 -2.60 9.56 -43.58
CA SER C 210 -2.29 10.38 -42.40
C SER C 210 -0.89 10.12 -41.86
N THR C 211 -0.22 11.18 -41.44
CA THR C 211 1.15 11.09 -40.92
C THR C 211 1.16 10.80 -39.42
N ASP C 212 -0.02 10.60 -38.84
CA ASP C 212 -0.13 10.20 -37.45
C ASP C 212 -0.35 8.70 -37.36
N PRO C 213 0.54 7.98 -36.65
CA PRO C 213 0.49 6.51 -36.59
C PRO C 213 -0.84 5.98 -36.08
N ASP C 214 -1.38 6.62 -35.04
CA ASP C 214 -2.65 6.20 -34.45
C ASP C 214 -3.82 6.30 -35.43
N VAL C 215 -3.95 7.45 -36.06
CA VAL C 215 -5.03 7.69 -37.01
C VAL C 215 -4.96 6.73 -38.18
N GLN C 216 -3.75 6.55 -38.70
CA GLN C 216 -3.49 5.64 -39.80
C GLN C 216 -3.87 4.21 -39.43
N TYR C 217 -3.48 3.79 -38.23
CA TYR C 217 -3.80 2.44 -37.75
C TYR C 217 -5.31 2.25 -37.56
N TYR C 218 -5.96 3.24 -36.97
CA TYR C 218 -7.40 3.20 -36.73
C TYR C 218 -8.18 3.08 -38.03
N CYS C 219 -7.79 3.88 -39.02
CA CYS C 219 -8.50 3.92 -40.29
C CYS C 219 -8.23 2.66 -41.12
N THR C 220 -6.98 2.19 -41.08
CA THR C 220 -6.63 0.95 -41.77
C THR C 220 -7.41 -0.23 -41.18
N THR C 221 -7.46 -0.30 -39.86
CA THR C 221 -8.18 -1.37 -39.17
C THR C 221 -9.68 -1.27 -39.44
N ALA C 222 -10.19 -0.04 -39.48
CA ALA C 222 -11.61 0.20 -39.70
C ALA C 222 -12.01 -0.26 -41.10
N LEU C 223 -11.22 0.11 -42.10
CA LEU C 223 -11.50 -0.31 -43.46
C LEU C 223 -11.34 -1.82 -43.62
N SER C 224 -10.36 -2.39 -42.91
CA SER C 224 -10.14 -3.83 -42.93
C SER C 224 -11.35 -4.58 -42.38
N ASN C 225 -11.93 -4.06 -41.30
CA ASN C 225 -13.13 -4.67 -40.72
C ASN C 225 -14.34 -4.48 -41.62
N ILE C 226 -14.42 -3.30 -42.24
CA ILE C 226 -15.51 -3.03 -43.18
C ILE C 226 -15.46 -3.99 -44.36
N ALA C 227 -14.24 -4.39 -44.73
CA ALA C 227 -14.05 -5.30 -45.87
C ALA C 227 -14.40 -6.75 -45.52
N VAL C 228 -14.84 -7.00 -44.30
CA VAL C 228 -15.25 -8.34 -43.87
C VAL C 228 -16.55 -8.75 -44.55
N ASP C 229 -17.38 -7.76 -44.90
CA ASP C 229 -18.67 -8.01 -45.52
C ASP C 229 -18.62 -7.92 -47.05
N GLU C 230 -19.15 -8.93 -47.71
CA GLU C 230 -19.22 -9.02 -49.17
C GLU C 230 -19.80 -7.77 -49.83
N ALA C 231 -20.93 -7.29 -49.30
CA ALA C 231 -21.61 -6.12 -49.84
C ALA C 231 -20.72 -4.87 -49.79
N ASN C 232 -20.01 -4.72 -48.68
CA ASN C 232 -19.07 -3.61 -48.55
C ASN C 232 -17.93 -3.73 -49.55
N ARG C 233 -17.46 -4.95 -49.79
CA ARG C 233 -16.40 -5.17 -50.76
C ARG C 233 -16.86 -4.78 -52.17
N LYS C 234 -18.08 -5.17 -52.52
CA LYS C 234 -18.66 -4.76 -53.81
C LYS C 234 -18.75 -3.24 -53.91
N LYS C 235 -19.28 -2.61 -52.86
CA LYS C 235 -19.40 -1.16 -52.83
C LYS C 235 -18.04 -0.48 -53.02
N LEU C 236 -17.05 -0.92 -52.26
CA LEU C 236 -15.69 -0.41 -52.35
C LEU C 236 -15.12 -0.58 -53.75
N ALA C 237 -15.44 -1.71 -54.37
CA ALA C 237 -14.99 -1.97 -55.72
C ALA C 237 -15.58 -0.94 -56.68
N GLN C 238 -16.82 -0.54 -56.42
CA GLN C 238 -17.46 0.45 -57.30
C GLN C 238 -17.05 1.91 -57.02
N THR C 239 -16.78 2.23 -55.76
CA THR C 239 -16.57 3.64 -55.38
C THR C 239 -15.14 4.02 -54.98
N GLU C 240 -14.38 3.05 -54.47
CA GLU C 240 -13.02 3.33 -54.01
C GLU C 240 -11.98 2.57 -54.81
N PRO C 241 -11.60 3.12 -55.97
CA PRO C 241 -10.76 2.41 -56.95
C PRO C 241 -9.26 2.44 -56.62
N ARG C 242 -8.84 3.35 -55.74
CA ARG C 242 -7.43 3.47 -55.39
C ARG C 242 -7.12 2.86 -54.02
N LEU C 243 -8.11 2.17 -53.45
CA LEU C 243 -7.97 1.59 -52.12
C LEU C 243 -6.86 0.54 -52.05
N VAL C 244 -6.86 -0.36 -53.02
CA VAL C 244 -5.87 -1.42 -53.09
C VAL C 244 -4.47 -0.85 -53.20
N SER C 245 -4.30 0.17 -54.04
CA SER C 245 -3.00 0.83 -54.21
C SER C 245 -2.48 1.38 -52.88
N LYS C 246 -3.36 2.07 -52.16
CA LYS C 246 -3.01 2.67 -50.88
C LYS C 246 -2.63 1.62 -49.85
N LEU C 247 -3.41 0.54 -49.77
CA LEU C 247 -3.10 -0.54 -48.85
C LEU C 247 -1.76 -1.20 -49.19
N VAL C 248 -1.54 -1.43 -50.48
CA VAL C 248 -0.30 -1.98 -50.99
C VAL C 248 0.90 -1.15 -50.57
N SER C 249 0.78 0.17 -50.73
CA SER C 249 1.86 1.05 -50.29
C SER C 249 1.99 1.04 -48.77
N LEU C 250 0.88 0.77 -48.07
CA LEU C 250 0.92 0.68 -46.61
C LEU C 250 1.60 -0.59 -46.12
N MET C 251 1.77 -1.57 -47.01
CA MET C 251 2.53 -2.77 -46.65
C MET C 251 4.01 -2.48 -46.38
N ASP C 252 4.46 -1.27 -46.73
CA ASP C 252 5.85 -0.90 -46.56
C ASP C 252 5.99 0.18 -45.48
N SER C 253 4.94 0.35 -44.69
CA SER C 253 4.95 1.29 -43.58
C SER C 253 6.05 0.97 -42.57
N PRO C 254 6.67 2.01 -42.00
CA PRO C 254 7.67 1.81 -40.94
C PRO C 254 7.02 1.31 -39.64
N SER C 255 5.70 1.40 -39.57
CA SER C 255 4.95 0.88 -38.42
C SER C 255 4.58 -0.58 -38.66
N SER C 256 4.93 -1.44 -37.71
CA SER C 256 4.71 -2.87 -37.85
C SER C 256 3.23 -3.24 -37.84
N ARG C 257 2.47 -2.58 -36.98
CA ARG C 257 1.04 -2.88 -36.84
C ARG C 257 0.25 -2.38 -38.05
N VAL C 258 0.72 -1.31 -38.68
CA VAL C 258 0.10 -0.79 -39.89
C VAL C 258 0.43 -1.68 -41.09
N LYS C 259 1.67 -2.15 -41.16
CA LYS C 259 2.06 -3.19 -42.12
C LYS C 259 1.12 -4.38 -42.03
N CYS C 260 1.05 -4.92 -40.83
CA CYS C 260 0.27 -6.12 -40.55
C CYS C 260 -1.20 -5.93 -40.90
N GLN C 261 -1.76 -4.79 -40.49
CA GLN C 261 -3.18 -4.55 -40.69
C GLN C 261 -3.51 -4.28 -42.15
N ALA C 262 -2.64 -3.55 -42.85
CA ALA C 262 -2.83 -3.34 -44.28
C ALA C 262 -2.86 -4.68 -45.01
N THR C 263 -1.93 -5.56 -44.61
CA THR C 263 -1.90 -6.90 -45.17
C THR C 263 -3.21 -7.65 -44.89
N LEU C 264 -3.70 -7.53 -43.66
CA LEU C 264 -4.96 -8.18 -43.28
C LEU C 264 -6.14 -7.66 -44.12
N ALA C 265 -6.16 -6.35 -44.35
CA ALA C 265 -7.20 -5.71 -45.15
C ALA C 265 -7.17 -6.26 -46.56
N LEU C 266 -5.96 -6.42 -47.09
CA LEU C 266 -5.79 -7.00 -48.42
C LEU C 266 -6.27 -8.45 -48.47
N ARG C 267 -6.00 -9.21 -47.42
CA ARG C 267 -6.52 -10.58 -47.30
C ARG C 267 -8.05 -10.60 -47.39
N ASN C 268 -8.67 -9.82 -46.50
CA ASN C 268 -10.12 -9.70 -46.42
C ASN C 268 -10.71 -9.36 -47.78
N LEU C 269 -10.17 -8.32 -48.42
CA LEU C 269 -10.59 -7.96 -49.77
C LEU C 269 -10.40 -9.12 -50.74
N ALA C 270 -9.31 -9.86 -50.55
CA ALA C 270 -8.95 -10.96 -51.43
C ALA C 270 -9.89 -12.15 -51.27
N SER C 271 -10.81 -12.06 -50.30
CA SER C 271 -11.98 -12.94 -50.32
C SER C 271 -12.67 -12.98 -51.69
N ASP C 272 -12.68 -11.85 -52.39
CA ASP C 272 -13.34 -11.74 -53.70
C ASP C 272 -12.39 -11.97 -54.88
N THR C 273 -12.92 -12.56 -55.95
CA THR C 273 -12.17 -12.83 -57.19
C THR C 273 -11.53 -11.57 -57.79
N SER C 274 -12.34 -10.52 -57.92
CA SER C 274 -11.90 -9.29 -58.56
C SER C 274 -10.70 -8.70 -57.82
N TYR C 275 -10.75 -8.73 -56.49
CA TYR C 275 -9.66 -8.20 -55.68
C TYR C 275 -8.44 -9.12 -55.72
N GLN C 276 -8.69 -10.42 -55.91
CA GLN C 276 -7.60 -11.37 -56.11
C GLN C 276 -6.80 -10.96 -57.33
N LEU C 277 -7.49 -10.59 -58.41
CA LEU C 277 -6.78 -10.08 -59.59
C LEU C 277 -6.15 -8.70 -59.35
N GLU C 278 -6.90 -7.82 -58.70
CA GLU C 278 -6.50 -6.42 -58.55
C GLU C 278 -5.27 -6.21 -57.66
N ILE C 279 -5.14 -7.01 -56.61
CA ILE C 279 -3.99 -6.89 -55.73
C ILE C 279 -2.70 -7.23 -56.48
N VAL C 280 -2.75 -8.29 -57.28
CA VAL C 280 -1.63 -8.66 -58.12
C VAL C 280 -1.34 -7.56 -59.14
N ARG C 281 -2.39 -7.05 -59.76
CA ARG C 281 -2.24 -6.01 -60.77
C ARG C 281 -1.66 -4.72 -60.20
N ALA C 282 -1.84 -4.51 -58.89
CA ALA C 282 -1.39 -3.28 -58.24
C ALA C 282 0.01 -3.41 -57.65
N GLY C 283 0.64 -4.56 -57.86
CA GLY C 283 2.01 -4.77 -57.41
C GLY C 283 2.17 -5.23 -55.97
N GLY C 284 1.21 -5.99 -55.47
CA GLY C 284 1.24 -6.45 -54.09
C GLY C 284 2.13 -7.64 -53.83
N LEU C 285 2.44 -8.38 -54.89
CA LEU C 285 3.18 -9.64 -54.75
C LEU C 285 4.60 -9.52 -54.17
N PRO C 286 5.44 -8.58 -54.66
CA PRO C 286 6.76 -8.51 -54.06
C PRO C 286 6.74 -8.11 -52.58
N HIS C 287 5.83 -7.20 -52.23
CA HIS C 287 5.60 -6.83 -50.84
C HIS C 287 5.27 -8.06 -50.01
N LEU C 288 4.31 -8.84 -50.49
CA LEU C 288 3.92 -10.08 -49.81
C LEU C 288 5.08 -11.07 -49.70
N VAL C 289 5.89 -11.16 -50.74
CA VAL C 289 7.07 -12.02 -50.76
C VAL C 289 8.01 -11.64 -49.63
N LYS C 290 8.21 -10.35 -49.45
CA LYS C 290 9.06 -9.86 -48.36
C LYS C 290 8.45 -10.14 -47.00
N LEU C 291 7.16 -9.84 -46.84
CA LEU C 291 6.50 -10.02 -45.55
C LEU C 291 6.44 -11.47 -45.09
N ILE C 292 6.26 -12.39 -46.04
CA ILE C 292 6.14 -13.81 -45.71
C ILE C 292 7.49 -14.38 -45.27
N GLN C 293 8.55 -13.59 -45.42
CA GLN C 293 9.89 -14.00 -45.01
C GLN C 293 10.43 -13.14 -43.86
N SER C 294 9.53 -12.46 -43.16
CA SER C 294 9.92 -11.54 -42.10
C SER C 294 10.33 -12.26 -40.82
N ASP C 295 9.88 -13.51 -40.68
CA ASP C 295 10.07 -14.29 -39.47
C ASP C 295 9.50 -13.57 -38.25
N SER C 296 8.43 -12.81 -38.50
CA SER C 296 7.59 -12.26 -37.45
C SER C 296 6.23 -12.90 -37.57
N ILE C 297 5.82 -13.64 -36.55
CA ILE C 297 4.61 -14.46 -36.60
C ILE C 297 3.35 -13.71 -37.08
N PRO C 298 3.09 -12.48 -36.56
CA PRO C 298 1.91 -11.78 -37.10
C PRO C 298 2.02 -11.43 -38.59
N LEU C 299 3.13 -10.82 -38.98
CA LEU C 299 3.35 -10.45 -40.38
C LEU C 299 3.22 -11.65 -41.31
N VAL C 300 3.90 -12.73 -40.93
CA VAL C 300 3.86 -13.96 -41.71
C VAL C 300 2.46 -14.54 -41.81
N LEU C 301 1.75 -14.59 -40.69
CA LEU C 301 0.37 -15.08 -40.68
C LEU C 301 -0.51 -14.30 -41.65
N ALA C 302 -0.51 -12.97 -41.49
CA ALA C 302 -1.30 -12.10 -42.36
C ALA C 302 -0.95 -12.31 -43.84
N SER C 303 0.34 -12.28 -44.16
CA SER C 303 0.78 -12.33 -45.55
C SER C 303 0.54 -13.69 -46.20
N VAL C 304 0.70 -14.77 -45.44
CA VAL C 304 0.49 -16.11 -45.99
C VAL C 304 -1.02 -16.34 -46.17
N ALA C 305 -1.82 -15.74 -45.30
CA ALA C 305 -3.27 -15.79 -45.48
C ALA C 305 -3.66 -15.06 -46.77
N CYS C 306 -3.09 -13.88 -46.94
CA CYS C 306 -3.38 -13.05 -48.11
C CYS C 306 -3.01 -13.77 -49.41
N ILE C 307 -1.78 -14.28 -49.48
CA ILE C 307 -1.34 -14.97 -50.68
C ILE C 307 -2.15 -16.26 -50.88
N ARG C 308 -2.63 -16.83 -49.78
CA ARG C 308 -3.49 -18.01 -49.86
C ARG C 308 -4.78 -17.68 -50.60
N ASN C 309 -5.37 -16.52 -50.28
CA ASN C 309 -6.56 -16.10 -51.01
C ASN C 309 -6.26 -15.73 -52.45
N ILE C 310 -5.14 -15.05 -52.66
CA ILE C 310 -4.77 -14.58 -53.99
C ILE C 310 -4.46 -15.73 -54.96
N SER C 311 -3.95 -16.84 -54.43
CA SER C 311 -3.56 -17.98 -55.26
C SER C 311 -4.72 -18.80 -55.81
N ILE C 312 -5.94 -18.41 -55.46
CA ILE C 312 -7.14 -19.15 -55.86
C ILE C 312 -7.49 -18.87 -57.32
N HIS C 313 -7.16 -17.68 -57.79
CA HIS C 313 -7.40 -17.30 -59.17
C HIS C 313 -6.33 -17.92 -60.07
N PRO C 314 -6.74 -18.70 -61.08
CA PRO C 314 -5.80 -19.36 -61.99
C PRO C 314 -4.86 -18.37 -62.67
N LEU C 315 -5.40 -17.23 -63.12
CA LEU C 315 -4.64 -16.23 -63.83
C LEU C 315 -3.46 -15.64 -63.04
N ASN C 316 -3.45 -15.90 -61.73
CA ASN C 316 -2.38 -15.40 -60.87
C ASN C 316 -1.22 -16.38 -60.73
N GLU C 317 -1.50 -17.65 -61.00
CA GLU C 317 -0.55 -18.73 -60.70
C GLU C 317 0.87 -18.47 -61.20
N GLY C 318 1.01 -18.26 -62.50
CA GLY C 318 2.30 -17.92 -63.08
C GLY C 318 2.96 -16.77 -62.35
N LEU C 319 2.22 -15.67 -62.18
CA LEU C 319 2.76 -14.47 -61.56
C LEU C 319 3.16 -14.71 -60.11
N ILE C 320 2.54 -15.70 -59.47
CA ILE C 320 2.89 -16.00 -58.09
C ILE C 320 4.20 -16.78 -58.05
N VAL C 321 4.42 -17.63 -59.06
CA VAL C 321 5.62 -18.43 -59.10
C VAL C 321 6.83 -17.60 -59.53
N ASP C 322 6.62 -16.72 -60.51
CA ASP C 322 7.67 -15.79 -60.94
C ASP C 322 8.10 -14.88 -59.80
N ALA C 323 7.16 -14.50 -58.95
CA ALA C 323 7.44 -13.58 -57.85
C ALA C 323 8.30 -14.23 -56.77
N GLY C 324 8.44 -15.55 -56.83
CA GLY C 324 9.32 -16.27 -55.93
C GLY C 324 8.70 -16.64 -54.59
N PHE C 325 7.46 -17.12 -54.62
CA PHE C 325 6.74 -17.51 -53.41
C PHE C 325 7.02 -18.95 -52.95
N LEU C 326 7.36 -19.83 -53.89
CA LEU C 326 7.42 -21.26 -53.63
C LEU C 326 8.34 -21.65 -52.47
N LYS C 327 9.59 -21.20 -52.51
CA LYS C 327 10.53 -21.55 -51.44
C LYS C 327 10.23 -20.90 -50.08
N PRO C 328 9.83 -19.61 -50.05
CA PRO C 328 9.38 -19.08 -48.76
C PRO C 328 8.21 -19.89 -48.17
N LEU C 329 7.24 -20.21 -49.02
CA LEU C 329 6.11 -21.05 -48.63
C LEU C 329 6.57 -22.38 -48.06
N VAL C 330 7.48 -23.04 -48.76
CA VAL C 330 8.01 -24.33 -48.32
C VAL C 330 8.70 -24.18 -46.96
N ARG C 331 9.45 -23.10 -46.78
CA ARG C 331 10.14 -22.86 -45.53
C ARG C 331 9.17 -22.65 -44.38
N LEU C 332 7.99 -22.13 -44.68
CA LEU C 332 6.97 -21.93 -43.65
C LEU C 332 6.51 -23.24 -42.98
N LEU C 333 6.78 -24.38 -43.62
CA LEU C 333 6.35 -25.66 -43.09
C LEU C 333 7.17 -26.08 -41.86
N ASP C 334 8.28 -25.39 -41.62
CA ASP C 334 9.11 -25.65 -40.45
C ASP C 334 8.63 -24.86 -39.23
N TYR C 335 7.64 -24.00 -39.44
CA TYR C 335 6.97 -23.31 -38.32
C TYR C 335 6.11 -24.29 -37.55
N LYS C 336 6.73 -25.14 -36.74
CA LYS C 336 6.01 -26.21 -36.06
C LYS C 336 5.11 -25.72 -34.93
N ASP C 337 5.35 -24.51 -34.44
CA ASP C 337 4.56 -23.97 -33.35
C ASP C 337 3.45 -23.04 -33.85
N SER C 338 3.26 -23.00 -35.17
CA SER C 338 2.16 -22.25 -35.74
C SER C 338 1.39 -23.09 -36.76
N GLU C 339 0.32 -23.73 -36.28
CA GLU C 339 -0.49 -24.64 -37.09
C GLU C 339 -1.18 -23.93 -38.25
N GLU C 340 -1.67 -22.72 -38.00
CA GLU C 340 -2.42 -21.97 -39.00
C GLU C 340 -1.52 -21.55 -40.16
N ILE C 341 -0.32 -21.10 -39.83
CA ILE C 341 0.67 -20.72 -40.84
C ILE C 341 1.04 -21.90 -41.72
N GLN C 342 1.22 -23.07 -41.10
CA GLN C 342 1.50 -24.29 -41.83
C GLN C 342 0.34 -24.62 -42.78
N CYS C 343 -0.88 -24.60 -42.25
CA CYS C 343 -2.07 -24.88 -43.05
C CYS C 343 -2.17 -23.96 -44.26
N HIS C 344 -1.97 -22.67 -44.04
CA HIS C 344 -2.09 -21.69 -45.12
C HIS C 344 -0.99 -21.86 -46.17
N ALA C 345 0.23 -22.11 -45.71
CA ALA C 345 1.35 -22.33 -46.62
C ALA C 345 1.11 -23.55 -47.51
N VAL C 346 0.72 -24.65 -46.90
CA VAL C 346 0.44 -25.88 -47.65
C VAL C 346 -0.72 -25.68 -48.61
N SER C 347 -1.75 -24.98 -48.15
CA SER C 347 -2.93 -24.72 -48.96
C SER C 347 -2.59 -23.88 -50.20
N THR C 348 -1.70 -22.91 -50.01
CA THR C 348 -1.23 -22.10 -51.13
C THR C 348 -0.44 -22.96 -52.12
N LEU C 349 0.42 -23.81 -51.58
CA LEU C 349 1.18 -24.75 -52.43
C LEU C 349 0.23 -25.60 -53.25
N ARG C 350 -0.84 -26.10 -52.63
CA ARG C 350 -1.80 -26.95 -53.31
C ARG C 350 -2.54 -26.16 -54.36
N ASN C 351 -2.76 -24.88 -54.09
CA ASN C 351 -3.32 -23.99 -55.10
C ASN C 351 -2.38 -23.76 -56.27
N LEU C 352 -1.09 -24.02 -56.06
CA LEU C 352 -0.12 -23.91 -57.16
C LEU C 352 0.23 -25.27 -57.78
N ALA C 353 -0.55 -26.31 -57.48
CA ALA C 353 -0.15 -27.68 -57.81
C ALA C 353 -0.73 -28.23 -59.11
N ALA C 354 -1.62 -27.49 -59.76
CA ALA C 354 -2.23 -27.95 -61.00
C ALA C 354 -2.14 -26.89 -62.07
N SER C 355 -0.99 -26.23 -62.15
CA SER C 355 -0.81 -25.10 -63.06
C SER C 355 -0.11 -25.53 -64.35
N SER C 356 0.52 -24.57 -65.01
CA SER C 356 1.22 -24.85 -66.26
C SER C 356 2.49 -25.66 -66.02
N GLU C 357 3.15 -26.06 -67.11
CA GLU C 357 4.33 -26.92 -67.03
C GLU C 357 5.51 -26.24 -66.35
N LYS C 358 5.72 -24.97 -66.69
CA LYS C 358 6.77 -24.16 -66.07
C LYS C 358 6.61 -24.13 -64.56
N ASN C 359 5.42 -23.76 -64.11
CA ASN C 359 5.09 -23.70 -62.69
C ASN C 359 5.22 -25.06 -62.01
N ARG C 360 4.95 -26.13 -62.77
CA ARG C 360 5.09 -27.48 -62.23
C ARG C 360 6.56 -27.81 -61.96
N LYS C 361 7.41 -27.52 -62.95
CA LYS C 361 8.85 -27.70 -62.78
C LYS C 361 9.36 -26.91 -61.58
N GLU C 362 8.95 -25.64 -61.50
CA GLU C 362 9.33 -24.79 -60.36
C GLU C 362 8.88 -25.41 -59.03
N PHE C 363 7.66 -25.92 -59.02
CA PHE C 363 7.08 -26.56 -57.85
C PHE C 363 7.96 -27.71 -57.37
N PHE C 364 8.34 -28.58 -58.30
CA PHE C 364 9.18 -29.72 -57.94
C PHE C 364 10.59 -29.30 -57.55
N GLU C 365 11.06 -28.18 -58.09
CA GLU C 365 12.38 -27.69 -57.75
C GLU C 365 12.41 -26.93 -56.42
N SER C 366 11.22 -26.64 -55.88
CA SER C 366 11.14 -25.91 -54.60
C SER C 366 11.46 -26.77 -53.38
N GLY C 367 11.23 -28.07 -53.48
CA GLY C 367 11.42 -28.96 -52.36
C GLY C 367 10.14 -29.16 -51.56
N ALA C 368 9.02 -28.75 -52.16
CA ALA C 368 7.72 -28.83 -51.52
C ALA C 368 7.29 -30.28 -51.27
N VAL C 369 7.55 -31.15 -52.24
CA VAL C 369 7.16 -32.55 -52.14
C VAL C 369 7.84 -33.26 -50.97
N GLU C 370 9.16 -33.07 -50.87
CA GLU C 370 9.95 -33.71 -49.81
C GLU C 370 9.55 -33.19 -48.43
N LYS C 371 9.42 -31.88 -48.30
CA LYS C 371 9.04 -31.27 -47.03
C LYS C 371 7.64 -31.69 -46.60
N CYS C 372 6.72 -31.72 -47.56
CA CYS C 372 5.36 -32.19 -47.28
C CYS C 372 5.37 -33.65 -46.84
N LYS C 373 6.19 -34.46 -47.50
CA LYS C 373 6.32 -35.87 -47.13
C LYS C 373 6.83 -36.00 -45.70
N GLU C 374 7.80 -35.17 -45.35
CA GLU C 374 8.37 -35.17 -44.01
C GLU C 374 7.32 -34.78 -42.97
N LEU C 375 6.50 -33.79 -43.28
CA LEU C 375 5.51 -33.28 -42.34
C LEU C 375 4.27 -34.16 -42.20
N ALA C 376 4.03 -35.01 -43.19
CA ALA C 376 2.77 -35.76 -43.29
C ALA C 376 2.49 -36.69 -42.10
N LEU C 377 3.52 -37.14 -41.43
CA LEU C 377 3.33 -38.10 -40.32
C LEU C 377 3.79 -37.54 -38.98
N ASP C 378 4.01 -36.24 -38.91
CA ASP C 378 4.37 -35.60 -37.65
C ASP C 378 3.88 -34.15 -37.62
N SER C 379 2.57 -33.99 -37.67
CA SER C 379 1.94 -32.67 -37.68
C SER C 379 0.48 -32.79 -37.28
N PRO C 380 -0.13 -31.67 -36.84
CA PRO C 380 -1.57 -31.66 -36.55
C PRO C 380 -2.42 -32.16 -37.71
N VAL C 381 -3.58 -32.72 -37.39
CA VAL C 381 -4.44 -33.36 -38.39
C VAL C 381 -4.92 -32.39 -39.47
N SER C 382 -5.01 -31.11 -39.13
CA SER C 382 -5.37 -30.08 -40.12
C SER C 382 -4.30 -29.98 -41.20
N VAL C 383 -3.04 -29.86 -40.75
CA VAL C 383 -1.91 -29.82 -41.65
C VAL C 383 -1.84 -31.09 -42.48
N GLN C 384 -2.05 -32.23 -41.83
CA GLN C 384 -2.13 -33.52 -42.54
C GLN C 384 -3.15 -33.48 -43.66
N SER C 385 -4.30 -32.88 -43.37
CA SER C 385 -5.38 -32.78 -44.34
C SER C 385 -4.95 -31.97 -45.54
N GLU C 386 -4.41 -30.78 -45.29
CA GLU C 386 -3.93 -29.92 -46.37
C GLU C 386 -2.89 -30.63 -47.24
N ILE C 387 -1.90 -31.23 -46.59
CA ILE C 387 -0.85 -31.97 -47.29
C ILE C 387 -1.42 -33.12 -48.15
N SER C 388 -2.35 -33.86 -47.57
CA SER C 388 -3.00 -34.97 -48.26
C SER C 388 -3.69 -34.49 -49.53
N ALA C 389 -4.44 -33.40 -49.41
CA ALA C 389 -5.10 -32.80 -50.56
C ALA C 389 -4.08 -32.38 -51.62
N CYS C 390 -3.00 -31.75 -51.17
CA CYS C 390 -1.91 -31.32 -52.05
C CYS C 390 -1.35 -32.49 -52.87
N PHE C 391 -1.06 -33.60 -52.19
CA PHE C 391 -0.62 -34.80 -52.87
C PHE C 391 -1.65 -35.28 -53.89
N ALA C 392 -2.91 -35.26 -53.47
CA ALA C 392 -4.02 -35.70 -54.33
C ALA C 392 -4.09 -34.92 -55.63
N ILE C 393 -3.91 -33.61 -55.55
CA ILE C 393 -3.96 -32.77 -56.75
C ILE C 393 -2.70 -32.92 -57.60
N LEU C 394 -1.54 -32.97 -56.94
CA LEU C 394 -0.28 -33.18 -57.62
C LEU C 394 -0.29 -34.47 -58.45
N ALA C 395 -0.94 -35.50 -57.91
CA ALA C 395 -0.95 -36.81 -58.58
C ALA C 395 -1.82 -36.84 -59.84
N LEU C 396 -2.58 -35.78 -60.08
CA LEU C 396 -3.46 -35.73 -61.24
C LEU C 396 -2.69 -35.60 -62.55
N ALA C 397 -1.51 -34.99 -62.49
CA ALA C 397 -0.69 -34.80 -63.67
C ALA C 397 0.13 -36.06 -63.96
N ASP C 398 -0.12 -36.68 -65.11
CA ASP C 398 0.62 -37.87 -65.53
C ASP C 398 2.12 -37.65 -65.50
N VAL C 399 2.56 -36.56 -66.15
CA VAL C 399 3.97 -36.20 -66.26
C VAL C 399 4.72 -36.16 -64.92
N SER C 400 3.98 -36.08 -63.82
CA SER C 400 4.59 -35.93 -62.50
C SER C 400 4.68 -37.24 -61.74
N LYS C 401 3.82 -38.19 -62.10
CA LYS C 401 3.58 -39.37 -61.27
C LYS C 401 4.87 -40.09 -60.85
N LEU C 402 5.66 -40.50 -61.83
CA LEU C 402 6.94 -41.16 -61.57
C LEU C 402 7.78 -40.40 -60.56
N ASP C 403 7.92 -39.08 -60.78
CA ASP C 403 8.72 -38.26 -59.89
C ASP C 403 8.18 -38.33 -58.47
N LEU C 404 6.86 -38.21 -58.34
CA LEU C 404 6.22 -38.30 -57.03
C LEU C 404 6.52 -39.65 -56.39
N LEU C 405 6.55 -40.68 -57.23
CA LEU C 405 6.84 -42.03 -56.75
C LEU C 405 8.29 -42.16 -56.30
N GLU C 406 9.19 -41.43 -56.95
CA GLU C 406 10.61 -41.56 -56.63
C GLU C 406 11.01 -40.71 -55.42
N ALA C 407 10.08 -39.86 -54.98
CA ALA C 407 10.28 -39.11 -53.75
C ALA C 407 9.76 -39.91 -52.56
N ASN C 408 9.28 -41.11 -52.85
CA ASN C 408 8.77 -42.04 -51.84
C ASN C 408 7.56 -41.52 -51.06
N ILE C 409 6.68 -40.77 -51.71
CA ILE C 409 5.54 -40.22 -50.98
C ILE C 409 4.52 -41.30 -50.65
N LEU C 410 4.68 -42.49 -51.21
CA LEU C 410 3.85 -43.63 -50.82
C LEU C 410 4.06 -43.97 -49.35
N ASP C 411 5.28 -43.70 -48.86
CA ASP C 411 5.60 -43.87 -47.45
C ASP C 411 4.74 -42.99 -46.55
N ALA C 412 4.26 -41.87 -47.10
CA ALA C 412 3.37 -40.98 -46.37
C ALA C 412 1.93 -41.38 -46.62
N LEU C 413 1.60 -41.58 -47.89
CA LEU C 413 0.24 -41.86 -48.34
C LEU C 413 -0.36 -43.09 -47.68
N ILE C 414 0.39 -44.19 -47.67
CA ILE C 414 -0.16 -45.45 -47.18
C ILE C 414 -0.59 -45.40 -45.70
N PRO C 415 0.29 -44.91 -44.80
CA PRO C 415 -0.23 -44.81 -43.42
C PRO C 415 -1.34 -43.77 -43.25
N MET C 416 -1.40 -42.79 -44.14
CA MET C 416 -2.45 -41.77 -44.06
C MET C 416 -3.82 -42.34 -44.40
N THR C 417 -3.85 -43.46 -45.12
CA THR C 417 -5.10 -44.13 -45.46
C THR C 417 -5.69 -44.86 -44.26
N PHE C 418 -5.04 -44.76 -43.11
CA PHE C 418 -5.53 -45.35 -41.87
C PHE C 418 -6.23 -44.32 -41.00
N SER C 419 -6.11 -43.05 -41.38
CA SER C 419 -6.65 -41.96 -40.57
C SER C 419 -8.18 -41.96 -40.52
N GLN C 420 -8.72 -41.63 -39.35
CA GLN C 420 -10.16 -41.55 -39.17
C GLN C 420 -10.69 -40.21 -39.70
N ASN C 421 -9.78 -39.27 -39.93
CA ASN C 421 -10.11 -38.04 -40.65
C ASN C 421 -10.22 -38.38 -42.13
N GLN C 422 -11.42 -38.20 -42.70
CA GLN C 422 -11.67 -38.66 -44.06
C GLN C 422 -11.06 -37.76 -45.13
N GLU C 423 -10.69 -36.54 -44.77
CA GLU C 423 -9.94 -35.68 -45.69
C GLU C 423 -8.59 -36.32 -45.96
N VAL C 424 -7.88 -36.61 -44.87
CA VAL C 424 -6.59 -37.29 -44.92
C VAL C 424 -6.65 -38.60 -45.71
N SER C 425 -7.41 -39.56 -45.19
CA SER C 425 -7.49 -40.90 -45.77
C SER C 425 -8.04 -40.89 -47.20
N GLY C 426 -9.10 -40.10 -47.41
CA GLY C 426 -9.73 -40.01 -48.72
C GLY C 426 -8.80 -39.45 -49.78
N ASN C 427 -8.14 -38.34 -49.47
CA ASN C 427 -7.22 -37.75 -50.43
C ASN C 427 -5.98 -38.60 -50.63
N ALA C 428 -5.55 -39.30 -49.58
CA ALA C 428 -4.42 -40.23 -49.69
C ALA C 428 -4.77 -41.36 -50.66
N ALA C 429 -5.98 -41.89 -50.51
CA ALA C 429 -6.49 -42.93 -51.40
C ALA C 429 -6.54 -42.43 -52.84
N ALA C 430 -7.04 -41.21 -53.01
CA ALA C 430 -7.09 -40.59 -54.34
C ALA C 430 -5.71 -40.51 -54.99
N ALA C 431 -4.75 -39.98 -54.22
CA ALA C 431 -3.38 -39.80 -54.70
C ALA C 431 -2.75 -41.13 -55.10
N LEU C 432 -2.80 -42.09 -54.19
CA LEU C 432 -2.27 -43.43 -54.42
C LEU C 432 -2.88 -44.05 -55.69
N ALA C 433 -4.20 -44.02 -55.75
CA ALA C 433 -4.93 -44.53 -56.90
C ALA C 433 -4.42 -43.92 -58.20
N ASN C 434 -4.32 -42.60 -58.24
CA ASN C 434 -3.86 -41.92 -59.44
C ASN C 434 -2.41 -42.27 -59.79
N LEU C 435 -1.59 -42.46 -58.77
CA LEU C 435 -0.20 -42.86 -58.99
C LEU C 435 -0.12 -44.25 -59.60
N CYS C 436 -1.14 -45.07 -59.36
CA CYS C 436 -1.18 -46.41 -59.95
C CYS C 436 -1.63 -46.43 -61.42
N SER C 437 -1.95 -45.25 -61.98
CA SER C 437 -2.58 -45.20 -63.30
C SER C 437 -1.69 -44.67 -64.42
N ARG C 438 -1.51 -45.50 -65.45
CA ARG C 438 -0.82 -45.13 -66.69
C ARG C 438 0.61 -44.63 -66.52
N VAL C 439 1.35 -45.21 -65.58
CA VAL C 439 2.75 -44.88 -65.42
C VAL C 439 3.60 -45.87 -66.22
N ASN C 440 4.75 -45.41 -66.71
CA ASN C 440 5.64 -46.27 -67.48
C ASN C 440 6.37 -47.28 -66.59
N ASN C 441 6.69 -46.88 -65.37
CA ASN C 441 7.43 -47.72 -64.45
C ASN C 441 6.64 -47.99 -63.17
N TYR C 442 6.47 -49.26 -62.84
CA TYR C 442 5.68 -49.66 -61.67
C TYR C 442 6.55 -50.20 -60.54
N THR C 443 7.85 -49.91 -60.60
CA THR C 443 8.79 -50.41 -59.60
C THR C 443 8.45 -49.98 -58.18
N LYS C 444 8.26 -48.69 -57.98
CA LYS C 444 7.95 -48.14 -56.66
C LYS C 444 6.66 -48.71 -56.09
N ILE C 445 5.70 -48.97 -56.96
CA ILE C 445 4.42 -49.55 -56.55
C ILE C 445 4.59 -50.99 -56.09
N ILE C 446 5.40 -51.75 -56.85
CA ILE C 446 5.68 -53.14 -56.52
C ILE C 446 6.44 -53.23 -55.20
N GLU C 447 7.39 -52.33 -54.99
CA GLU C 447 8.15 -52.28 -53.74
C GLU C 447 7.24 -52.01 -52.54
N ALA C 448 6.27 -51.12 -52.72
CA ALA C 448 5.39 -50.72 -51.64
C ALA C 448 4.14 -51.59 -51.54
N TRP C 449 4.21 -52.80 -52.10
CA TRP C 449 3.04 -53.67 -52.13
C TRP C 449 2.67 -54.18 -50.73
N ASP C 450 3.69 -54.48 -49.93
CA ASP C 450 3.50 -55.06 -48.60
C ASP C 450 3.91 -54.13 -47.48
N ARG C 451 4.62 -53.06 -47.83
CA ARG C 451 5.07 -52.08 -46.84
C ARG C 451 4.95 -50.67 -47.40
N PRO C 452 4.85 -49.68 -46.51
CA PRO C 452 4.72 -49.92 -45.07
C PRO C 452 3.31 -50.33 -44.65
N ASN C 453 3.19 -51.04 -43.53
CA ASN C 453 1.89 -51.36 -42.95
C ASN C 453 0.93 -52.10 -43.88
N GLU C 454 1.46 -53.06 -44.62
CA GLU C 454 0.65 -53.83 -45.56
C GLU C 454 0.52 -53.09 -46.89
N GLY C 455 1.18 -51.94 -46.96
CA GLY C 455 1.28 -51.18 -48.19
C GLY C 455 0.01 -51.00 -48.98
N ILE C 456 0.13 -51.30 -50.27
CA ILE C 456 -0.90 -51.12 -51.28
C ILE C 456 -1.96 -52.23 -51.24
N ARG C 457 -1.54 -53.46 -50.99
CA ARG C 457 -2.50 -54.55 -50.94
C ARG C 457 -3.44 -54.39 -49.75
N GLY C 458 -2.89 -53.95 -48.61
CA GLY C 458 -3.68 -53.76 -47.41
C GLY C 458 -4.68 -52.65 -47.65
N PHE C 459 -4.19 -51.58 -48.29
CA PHE C 459 -5.05 -50.49 -48.71
C PHE C 459 -6.21 -51.01 -49.55
N LEU C 460 -5.88 -51.81 -50.57
CA LEU C 460 -6.87 -52.39 -51.46
C LEU C 460 -7.91 -53.21 -50.70
N ILE C 461 -7.45 -54.05 -49.78
CA ILE C 461 -8.34 -54.82 -48.91
C ILE C 461 -9.34 -53.94 -48.17
N ARG C 462 -8.76 -53.11 -47.29
CA ARG C 462 -9.55 -52.27 -46.40
C ARG C 462 -10.56 -51.42 -47.17
N PHE C 463 -10.13 -50.83 -48.27
CA PHE C 463 -11.03 -49.97 -49.05
C PHE C 463 -12.00 -50.77 -49.89
N LEU C 464 -11.69 -52.04 -50.15
CA LEU C 464 -12.63 -52.90 -50.84
C LEU C 464 -13.77 -53.28 -49.91
N LYS C 465 -13.50 -53.34 -48.61
CA LYS C 465 -14.58 -53.60 -47.66
C LYS C 465 -15.15 -52.34 -47.00
N SER C 466 -15.13 -51.21 -47.72
CA SER C 466 -15.59 -49.94 -47.15
C SER C 466 -17.08 -49.71 -47.35
N ASP C 467 -17.74 -49.19 -46.32
CA ASP C 467 -19.15 -48.82 -46.39
C ASP C 467 -19.36 -47.68 -47.39
N TYR C 468 -18.40 -46.76 -47.40
CA TYR C 468 -18.48 -45.60 -48.27
C TYR C 468 -18.15 -45.98 -49.70
N ALA C 469 -19.16 -45.85 -50.57
CA ALA C 469 -19.08 -46.32 -51.94
C ALA C 469 -17.95 -45.67 -52.74
N THR C 470 -17.55 -44.46 -52.32
CA THR C 470 -16.47 -43.76 -53.01
C THR C 470 -15.12 -44.43 -52.75
N PHE C 471 -14.88 -44.83 -51.50
CA PHE C 471 -13.66 -45.54 -51.14
C PHE C 471 -13.53 -46.84 -51.92
N GLU C 472 -14.63 -47.58 -51.95
CA GLU C 472 -14.72 -48.86 -52.66
C GLU C 472 -14.52 -48.67 -54.16
N HIS C 473 -15.12 -47.61 -54.69
CA HIS C 473 -14.95 -47.23 -56.09
C HIS C 473 -13.48 -46.94 -56.38
N ILE C 474 -12.81 -46.31 -55.43
CA ILE C 474 -11.39 -45.99 -55.57
C ILE C 474 -10.59 -47.29 -55.65
N ALA C 475 -10.84 -48.20 -54.72
CA ALA C 475 -10.14 -49.49 -54.70
C ALA C 475 -10.31 -50.27 -56.00
N LEU C 476 -11.57 -50.41 -56.43
CA LEU C 476 -11.88 -51.10 -57.68
C LEU C 476 -11.19 -50.44 -58.86
N TRP C 477 -11.25 -49.10 -58.89
CA TRP C 477 -10.69 -48.34 -59.99
C TRP C 477 -9.18 -48.51 -60.09
N THR C 478 -8.47 -48.49 -58.95
CA THR C 478 -7.03 -48.63 -58.98
C THR C 478 -6.61 -50.06 -59.27
N ILE C 479 -7.40 -51.03 -58.84
CA ILE C 479 -7.16 -52.42 -59.26
C ILE C 479 -7.26 -52.53 -60.77
N LEU C 480 -8.30 -51.91 -61.32
CA LEU C 480 -8.51 -51.88 -62.76
C LEU C 480 -7.33 -51.23 -63.46
N GLN C 481 -6.82 -50.14 -62.89
CA GLN C 481 -5.67 -49.43 -63.46
C GLN C 481 -4.42 -50.29 -63.39
N LEU C 482 -4.33 -51.13 -62.37
CA LEU C 482 -3.19 -52.02 -62.21
C LEU C 482 -3.22 -53.15 -63.23
N LEU C 483 -4.42 -53.67 -63.46
CA LEU C 483 -4.66 -54.64 -64.52
C LEU C 483 -4.47 -54.03 -65.91
N GLU C 484 -4.94 -52.79 -66.07
CA GLU C 484 -4.94 -52.12 -67.36
C GLU C 484 -3.53 -51.92 -67.91
N SER C 485 -2.62 -51.51 -67.03
CA SER C 485 -1.23 -51.31 -67.42
C SER C 485 -0.61 -52.63 -67.85
N HIS C 486 0.30 -52.59 -68.82
CA HIS C 486 0.93 -53.82 -69.28
C HIS C 486 2.13 -54.22 -68.41
N ASN C 487 1.84 -54.71 -67.20
CA ASN C 487 2.90 -55.18 -66.30
C ASN C 487 2.73 -56.65 -65.92
N ASP C 488 3.79 -57.44 -66.15
CA ASP C 488 3.79 -58.87 -65.85
C ASP C 488 3.67 -59.22 -64.36
N LYS C 489 4.36 -58.48 -63.51
CA LYS C 489 4.52 -58.84 -62.11
C LYS C 489 3.40 -58.33 -61.23
N VAL C 490 2.91 -57.10 -61.44
CA VAL C 490 1.78 -56.62 -60.63
C VAL C 490 0.56 -57.49 -60.89
N GLU C 491 0.49 -58.06 -62.09
CA GLU C 491 -0.51 -59.05 -62.43
C GLU C 491 -0.29 -60.31 -61.60
N ASP C 492 0.98 -60.62 -61.33
CA ASP C 492 1.28 -61.74 -60.43
C ASP C 492 0.87 -61.41 -59.00
N LEU C 493 1.04 -60.16 -58.60
CA LEU C 493 0.79 -59.78 -57.21
C LEU C 493 -0.69 -59.67 -56.90
N VAL C 494 -1.51 -59.41 -57.91
CA VAL C 494 -2.95 -59.34 -57.65
C VAL C 494 -3.62 -60.74 -57.50
N LYS C 495 -2.88 -61.80 -57.79
CA LYS C 495 -3.38 -63.15 -57.59
C LYS C 495 -3.14 -63.59 -56.14
N ASN C 496 -3.77 -62.89 -55.20
CA ASN C 496 -3.78 -63.26 -53.80
C ASN C 496 -5.23 -63.31 -53.37
N ASP C 497 -5.65 -64.36 -52.67
CA ASP C 497 -7.11 -64.49 -52.40
C ASP C 497 -7.84 -63.42 -51.54
N ASP C 498 -7.16 -62.75 -50.59
CA ASP C 498 -7.79 -61.69 -49.80
C ASP C 498 -8.29 -60.56 -50.70
N ASP C 499 -7.62 -60.41 -51.84
CA ASP C 499 -7.96 -59.37 -52.81
C ASP C 499 -9.23 -59.63 -53.66
N ILE C 500 -9.46 -60.86 -54.14
CA ILE C 500 -10.22 -61.00 -55.42
C ILE C 500 -11.77 -61.26 -55.49
N ILE C 501 -12.27 -62.06 -54.54
CA ILE C 501 -13.59 -62.66 -54.55
C ILE C 501 -14.55 -61.62 -54.04
N ASN C 502 -14.02 -60.44 -53.79
CA ASN C 502 -14.83 -59.34 -53.32
C ASN C 502 -15.91 -59.10 -54.36
N GLY C 503 -15.57 -59.24 -55.64
CA GLY C 503 -16.62 -59.14 -56.61
C GLY C 503 -16.39 -57.78 -57.15
N LEU D 64 -13.04 -41.34 -64.97
CA LEU D 64 -12.44 -42.62 -65.31
C LEU D 64 -10.96 -42.47 -65.68
N LEU D 65 -10.56 -41.24 -66.02
CA LEU D 65 -9.15 -40.96 -66.29
C LEU D 65 -8.40 -40.63 -64.99
N HIS D 66 -9.04 -39.86 -64.13
CA HIS D 66 -8.46 -39.50 -62.83
C HIS D 66 -9.48 -39.62 -61.71
N ILE D 67 -8.98 -39.72 -60.48
CA ILE D 67 -9.84 -39.73 -59.29
C ILE D 67 -9.60 -38.44 -58.49
N GLN D 68 -10.70 -37.78 -58.10
CA GLN D 68 -10.60 -36.52 -57.36
C GLN D 68 -11.74 -36.38 -56.36
N VAL D 69 -11.40 -36.31 -55.08
CA VAL D 69 -12.40 -36.21 -54.03
C VAL D 69 -12.36 -34.86 -53.32
N SER D 70 -11.43 -34.00 -53.73
CA SER D 70 -11.34 -32.65 -53.19
C SER D 70 -11.38 -31.65 -54.35
N PRO D 71 -11.89 -30.44 -54.08
CA PRO D 71 -11.85 -29.40 -55.13
C PRO D 71 -10.42 -29.12 -55.58
N THR D 72 -10.24 -28.71 -56.83
CA THR D 72 -8.92 -28.40 -57.36
C THR D 72 -8.24 -27.34 -56.51
N LYS D 73 -8.89 -26.19 -56.38
CA LYS D 73 -8.42 -25.13 -55.51
C LYS D 73 -8.94 -25.35 -54.08
N SER D 74 -8.22 -24.81 -53.11
CA SER D 74 -8.72 -24.80 -51.74
C SER D 74 -9.66 -23.61 -51.57
N SER D 75 -10.46 -23.63 -50.51
CA SER D 75 -11.42 -22.59 -50.23
C SER D 75 -10.75 -21.27 -49.88
N ASN D 76 -11.43 -20.17 -50.15
CA ASN D 76 -10.95 -18.88 -49.68
C ASN D 76 -11.19 -18.80 -48.18
N LEU D 77 -10.32 -18.06 -47.48
CA LEU D 77 -10.48 -17.87 -46.06
C LEU D 77 -11.58 -16.86 -45.78
N ASP D 78 -12.26 -17.02 -44.65
CA ASP D 78 -13.19 -16.02 -44.20
C ASP D 78 -12.42 -14.78 -43.79
N ALA D 79 -12.94 -13.62 -44.16
CA ALA D 79 -12.35 -12.36 -43.72
C ALA D 79 -12.41 -12.28 -42.19
N GLN D 80 -11.31 -11.84 -41.58
CA GLN D 80 -11.25 -11.72 -40.13
C GLN D 80 -11.41 -10.29 -39.66
N VAL D 81 -12.12 -10.12 -38.55
CA VAL D 81 -12.25 -8.82 -37.90
C VAL D 81 -11.15 -8.64 -36.88
N ASN D 82 -10.61 -7.43 -36.79
CA ASN D 82 -9.76 -7.05 -35.67
C ASN D 82 -10.65 -6.43 -34.59
N THR D 83 -10.74 -7.08 -33.44
CA THR D 83 -11.63 -6.63 -32.39
C THR D 83 -10.94 -5.70 -31.38
N GLU D 84 -9.71 -5.30 -31.68
CA GLU D 84 -9.00 -4.37 -30.80
C GLU D 84 -9.79 -3.08 -30.64
N GLN D 85 -9.88 -2.59 -29.42
CA GLN D 85 -10.68 -1.42 -29.13
C GLN D 85 -9.82 -0.19 -28.95
N ALA D 86 -10.30 0.94 -29.48
CA ALA D 86 -9.61 2.21 -29.30
C ALA D 86 -10.18 2.94 -28.09
N TYR D 87 -9.30 3.60 -27.35
CA TYR D 87 -9.73 4.41 -26.22
C TYR D 87 -9.39 5.87 -26.48
N SER D 88 -10.04 6.76 -25.74
CA SER D 88 -9.84 8.18 -25.91
C SER D 88 -8.43 8.62 -25.53
N GLN D 89 -8.03 9.77 -26.03
CA GLN D 89 -6.84 10.44 -25.54
C GLN D 89 -7.13 10.95 -24.14
N PRO D 90 -6.08 11.29 -23.37
CA PRO D 90 -6.32 11.95 -22.08
C PRO D 90 -7.17 13.20 -22.24
N PHE D 91 -8.08 13.43 -21.28
CA PHE D 91 -9.02 14.54 -21.36
C PHE D 91 -8.49 15.81 -20.70
N ARG D 92 -8.35 16.87 -21.48
CA ARG D 92 -7.97 18.17 -20.94
C ARG D 92 -9.24 18.96 -20.65
N TYR D 93 -9.17 19.86 -19.66
CA TYR D 93 -10.34 20.61 -19.23
C TYR D 93 -9.99 22.04 -18.82
#